data_6JUR
#
_entry.id   6JUR
#
_cell.length_a   54.670
_cell.length_b   80.240
_cell.length_c   210.770
_cell.angle_alpha   90.00
_cell.angle_beta   90.00
_cell.angle_gamma   90.00
#
_symmetry.space_group_name_H-M   'P 21 21 21'
#
loop_
_entity.id
_entity.type
_entity.pdbx_description
1 polymer 'DNA polymerase IV'
2 polymer "DNA (5'-D(*TP*CP*TP*GP*GP*GP*GP*TP*CP*CP*TP*A)-3')"
3 non-polymer "5'-O-[(S)-hydroxy{[(S)-hydroxy(phosphonooxy)phosphoryl]methyl}phosphoryl]cytidine"
4 non-polymer 'MANGANESE (II) ION'
5 water water
#
loop_
_entity_poly.entity_id
_entity_poly.type
_entity_poly.pdbx_seq_one_letter_code
_entity_poly.pdbx_strand_id
1 'polypeptide(L)'
;MTKWVLHVDLDQFYASVELRRRPDLRGQPVIVGGSGDPSEPRKVVTCASYEAREFGVHAGMPLRAAARRCPDATFLPSDP
AAYDEASEQVMGLLRDLGHPLEVWGWDEAYLGADLPDESDPVEVAERIRTVVAAETGLSCSVGISDNKQRAKVATGFAKP
AGIYVLTEANWMTVMGDRPPDALWGVGPKTTKKLAAMGITTVADLAVTDPSVLTTAFGPSTGLWLLLLAKGGGDTEVSSE
PWVPRSRSHVVTFPQDLTERREMDSAVRDLALQTLAEIVEQGRIVTRVAVTVRTSTFYTRTKIRKLPAPSTDAGQIVDTA
LAVLDQFELDRPVRLLGVRLELAMDDVPRPAVTAGT
;
A,F
2 'polydeoxyribonucleotide' (DT)(DC)(DT)(DG)(DG)(DG)(DG)(DT)(DC)(DC)(DT)(DA)(DG)(DG)(DA)(DC)(DC)(DC) B,C,G,H
#
loop_
_chem_comp.id
_chem_comp.type
_chem_comp.name
_chem_comp.formula
2TM non-polymer 5'-O-[(S)-hydroxy{[(S)-hydroxy(phosphonooxy)phosphoryl]methyl}phosphoryl]cytidine 'C10 H18 N3 O13 P3'
DA DNA linking 2'-DEOXYADENOSINE-5'-MONOPHOSPHATE 'C10 H14 N5 O6 P'
DC DNA linking 2'-DEOXYCYTIDINE-5'-MONOPHOSPHATE 'C9 H14 N3 O7 P'
DG DNA linking 2'-DEOXYGUANOSINE-5'-MONOPHOSPHATE 'C10 H14 N5 O7 P'
DT DNA linking THYMIDINE-5'-MONOPHOSPHATE 'C10 H15 N2 O8 P'
MN non-polymer 'MANGANESE (II) ION' 'Mn 2'
#
# COMPACT_ATOMS: atom_id res chain seq x y z
N MET A 1 38.88 -21.75 1.59
CA MET A 1 38.08 -23.00 1.62
C MET A 1 36.69 -22.43 1.57
N THR A 2 36.26 -21.73 2.61
CA THR A 2 34.87 -21.17 2.56
C THR A 2 34.78 -19.64 2.79
N LYS A 3 34.18 -18.91 1.80
CA LYS A 3 34.23 -17.47 1.84
C LYS A 3 33.02 -17.01 2.63
N TRP A 4 33.14 -16.19 3.66
CA TRP A 4 31.91 -15.69 4.35
C TRP A 4 31.72 -14.22 4.18
N VAL A 5 30.48 -13.75 4.21
CA VAL A 5 30.21 -12.31 4.17
C VAL A 5 29.56 -12.00 5.50
N LEU A 6 30.12 -11.04 6.21
CA LEU A 6 29.57 -10.68 7.53
C LEU A 6 29.02 -9.28 7.46
N HIS A 7 27.75 -9.13 7.84
CA HIS A 7 27.13 -7.82 7.71
C HIS A 7 27.13 -7.31 9.17
N VAL A 8 27.78 -6.18 9.43
CA VAL A 8 27.86 -5.71 10.84
C VAL A 8 27.04 -4.46 10.89
N ASP A 9 26.11 -4.39 11.84
CA ASP A 9 25.18 -3.29 11.81
C ASP A 9 25.08 -2.79 13.29
N LEU A 10 25.35 -1.51 13.54
CA LEU A 10 25.20 -0.95 14.88
C LEU A 10 23.77 -0.84 15.38
N ASP A 11 23.48 -1.32 16.58
CA ASP A 11 22.08 -1.43 17.04
C ASP A 11 21.55 -0.01 17.39
N GLN A 12 20.31 0.35 16.96
CA GLN A 12 19.70 1.64 17.22
C GLN A 12 20.74 2.74 17.26
N PHE A 13 21.42 2.89 16.10
CA PHE A 13 22.68 3.60 16.10
C PHE A 13 22.61 5.00 16.76
N TYR A 14 21.77 5.93 16.22
CA TYR A 14 21.78 7.30 16.79
C TYR A 14 21.39 7.34 18.25
N ALA A 15 20.35 6.58 18.62
CA ALA A 15 19.99 6.45 20.04
C ALA A 15 21.21 5.96 20.88
N SER A 16 21.98 4.96 20.38
CA SER A 16 23.19 4.49 21.10
C SER A 16 24.23 5.52 21.29
N VAL A 17 24.50 6.31 20.27
CA VAL A 17 25.40 7.44 20.42
C VAL A 17 24.90 8.42 21.50
N GLU A 18 23.60 8.71 21.47
CA GLU A 18 22.99 9.64 22.44
C GLU A 18 23.12 9.04 23.86
N LEU A 19 22.94 7.72 23.96
CA LEU A 19 23.02 6.95 25.20
C LEU A 19 24.42 6.97 25.73
N ARG A 20 25.45 7.08 24.87
CA ARG A 20 26.81 7.31 25.38
C ARG A 20 27.02 8.58 26.24
N ARG A 21 26.55 9.75 25.78
CA ARG A 21 26.63 10.99 26.58
C ARG A 21 25.40 11.04 27.65
N ARG A 22 24.39 10.13 27.57
CA ARG A 22 23.27 10.17 28.58
C ARG A 22 22.97 8.76 29.07
N PRO A 23 23.94 8.15 29.78
CA PRO A 23 23.77 6.79 30.26
C PRO A 23 22.56 6.60 31.20
N ASP A 24 22.04 7.64 31.85
CA ASP A 24 20.90 7.44 32.68
C ASP A 24 19.68 7.16 31.85
N LEU A 25 19.74 7.37 30.49
CA LEU A 25 18.52 7.15 29.71
C LEU A 25 18.42 5.71 29.20
N ARG A 26 19.46 4.87 29.42
CA ARG A 26 19.50 3.42 29.04
C ARG A 26 18.28 2.74 29.61
N GLY A 27 17.63 1.89 28.78
CA GLY A 27 16.32 1.31 29.23
C GLY A 27 15.08 2.24 29.28
N GLN A 28 15.18 3.49 28.79
CA GLN A 28 14.04 4.41 28.73
C GLN A 28 13.68 4.73 27.21
N PRO A 29 12.47 5.25 26.95
CA PRO A 29 12.14 5.65 25.59
C PRO A 29 12.94 6.89 25.15
N VAL A 30 13.83 6.76 24.14
CA VAL A 30 14.59 7.97 23.71
C VAL A 30 14.26 8.07 22.20
N ILE A 31 13.94 9.29 21.73
CA ILE A 31 13.51 9.47 20.30
C ILE A 31 14.37 10.60 19.80
N VAL A 32 15.21 10.28 18.79
CA VAL A 32 16.03 11.30 18.18
C VAL A 32 15.31 11.81 16.90
N GLY A 33 15.35 13.11 16.67
CA GLY A 33 14.85 13.68 15.39
C GLY A 33 14.61 15.14 15.55
N GLY A 34 14.64 15.88 14.41
CA GLY A 34 14.33 17.30 14.42
C GLY A 34 15.24 18.07 15.32
N SER A 35 14.71 19.13 15.88
CA SER A 35 15.46 19.84 16.90
C SER A 35 14.99 19.38 18.27
N GLY A 36 14.50 18.15 18.40
CA GLY A 36 14.14 17.63 19.70
C GLY A 36 12.87 18.20 20.31
N ASP A 37 12.18 19.05 19.52
CA ASP A 37 10.91 19.62 19.85
C ASP A 37 9.91 18.73 19.15
N PRO A 38 9.14 17.98 19.93
CA PRO A 38 8.25 17.00 19.31
C PRO A 38 6.98 17.56 18.64
N SER A 39 6.67 18.84 18.88
CA SER A 39 5.50 19.40 18.25
C SER A 39 5.78 19.97 16.78
N GLU A 40 7.04 20.00 16.28
CA GLU A 40 7.23 20.67 14.98
C GLU A 40 6.58 19.80 13.90
N PRO A 41 5.78 20.42 13.01
CA PRO A 41 5.24 19.51 11.91
C PRO A 41 6.39 19.32 10.88
N ARG A 42 6.23 18.36 10.00
CA ARG A 42 7.15 18.20 8.81
C ARG A 42 8.56 17.77 9.17
N LYS A 43 8.72 17.11 10.32
CA LYS A 43 9.95 16.44 10.74
C LYS A 43 9.63 15.04 11.18
N VAL A 44 10.68 14.22 11.11
CA VAL A 44 10.45 12.80 11.41
C VAL A 44 11.42 12.34 12.51
N VAL A 45 11.09 11.23 13.09
CA VAL A 45 12.04 10.51 13.96
C VAL A 45 13.12 9.95 13.08
N THR A 46 14.38 10.08 13.53
CA THR A 46 15.55 9.55 12.86
C THR A 46 16.17 8.31 13.55
N CYS A 47 15.82 8.10 14.82
CA CYS A 47 16.04 6.84 15.48
C CYS A 47 15.19 6.78 16.74
N ALA A 48 14.43 5.69 16.91
CA ALA A 48 13.77 5.44 18.19
C ALA A 48 14.52 4.38 18.96
N SER A 49 14.74 4.55 20.29
CA SER A 49 15.35 3.49 21.02
C SER A 49 14.36 2.30 21.09
N TYR A 50 14.86 1.17 21.49
CA TYR A 50 13.99 -0.05 21.49
C TYR A 50 12.76 0.15 22.36
N GLU A 51 12.95 0.87 23.46
CA GLU A 51 11.83 1.08 24.41
C GLU A 51 10.78 1.98 23.75
N ALA A 52 11.18 2.96 22.90
CA ALA A 52 10.21 3.81 22.20
C ALA A 52 9.50 2.97 21.09
N ARG A 53 10.19 2.03 20.45
CA ARG A 53 9.62 1.19 19.42
C ARG A 53 8.52 0.28 19.99
N GLU A 54 8.60 -0.07 21.27
CA GLU A 54 7.44 -0.80 21.90
C GLU A 54 6.18 0.04 21.78
N PHE A 55 6.26 1.34 21.62
CA PHE A 55 5.06 2.17 21.56
C PHE A 55 4.73 2.40 20.09
N GLY A 56 5.41 1.70 19.18
CA GLY A 56 5.06 1.85 17.76
C GLY A 56 5.86 2.97 17.08
N VAL A 57 6.83 3.56 17.76
CA VAL A 57 7.51 4.72 17.17
C VAL A 57 8.67 4.16 16.29
N HIS A 58 8.91 4.73 15.09
CA HIS A 58 9.96 4.18 14.20
C HIS A 58 10.50 5.26 13.35
N ALA A 59 11.71 5.06 12.83
CA ALA A 59 12.37 6.05 11.94
C ALA A 59 11.46 6.30 10.76
N GLY A 60 11.25 7.55 10.42
CA GLY A 60 10.30 7.81 9.36
C GLY A 60 9.02 8.32 9.89
N MET A 61 8.67 7.95 11.15
CA MET A 61 7.39 8.45 11.72
C MET A 61 7.47 9.94 12.02
N PRO A 62 6.45 10.73 11.68
CA PRO A 62 6.53 12.13 12.05
C PRO A 62 6.73 12.33 13.56
N LEU A 63 7.43 13.41 13.94
CA LEU A 63 7.62 13.68 15.38
C LEU A 63 6.36 13.90 16.14
N ARG A 64 5.42 14.60 15.57
CA ARG A 64 4.12 14.82 16.20
C ARG A 64 3.37 13.50 16.44
N ALA A 65 3.50 12.58 15.50
CA ALA A 65 2.92 11.22 15.59
C ALA A 65 3.61 10.44 16.76
N ALA A 66 4.94 10.53 16.86
CA ALA A 66 5.70 9.89 17.92
C ALA A 66 5.45 10.41 19.36
N ALA A 67 5.34 11.71 19.46
CA ALA A 67 4.81 12.37 20.67
C ALA A 67 3.41 11.88 21.08
N ARG A 68 2.53 11.78 20.08
CA ARG A 68 1.20 11.16 20.41
C ARG A 68 1.36 9.73 20.96
N ARG A 69 2.22 8.89 20.34
CA ARG A 69 2.26 7.47 20.79
C ARG A 69 3.04 7.29 22.05
N CYS A 70 4.02 8.16 22.31
CA CYS A 70 5.02 7.86 23.43
C CYS A 70 5.23 9.12 24.19
N PRO A 71 4.21 9.55 24.98
CA PRO A 71 4.24 10.96 25.52
C PRO A 71 5.44 11.25 26.50
N ASP A 72 5.86 10.17 27.19
CA ASP A 72 6.91 10.13 28.20
C ASP A 72 8.35 10.03 27.64
N ALA A 73 8.51 9.90 26.31
CA ALA A 73 9.86 9.77 25.73
C ALA A 73 10.75 10.99 26.05
N THR A 74 12.05 10.82 26.04
CA THR A 74 12.92 12.02 26.01
C THR A 74 13.20 12.22 24.53
N PHE A 75 12.93 13.40 23.99
CA PHE A 75 13.18 13.68 22.64
C PHE A 75 14.50 14.42 22.60
N LEU A 76 15.38 13.97 21.74
CA LEU A 76 16.64 14.58 21.57
C LEU A 76 16.80 15.07 20.15
N PRO A 77 17.48 16.22 19.99
CA PRO A 77 17.70 16.67 18.63
C PRO A 77 18.70 15.79 17.90
N SER A 78 18.57 15.76 16.61
CA SER A 78 19.51 15.02 15.84
C SER A 78 20.90 15.65 15.89
N ASP A 79 21.93 14.91 16.22
CA ASP A 79 23.30 15.39 16.22
C ASP A 79 24.21 14.75 15.13
N PRO A 80 24.03 15.18 13.86
CA PRO A 80 24.81 14.40 12.81
C PRO A 80 26.35 14.37 12.98
N ALA A 81 26.95 15.46 13.51
CA ALA A 81 28.39 15.52 13.66
C ALA A 81 28.85 14.46 14.64
N ALA A 82 28.09 14.29 15.74
CA ALA A 82 28.41 13.20 16.67
C ALA A 82 28.29 11.82 15.99
N TYR A 83 27.24 11.67 15.15
CA TYR A 83 26.94 10.34 14.54
C TYR A 83 28.02 10.05 13.49
N ASP A 84 28.39 11.13 12.78
CA ASP A 84 29.43 10.98 11.78
C ASP A 84 30.72 10.48 12.46
N GLU A 85 31.09 11.09 13.57
CA GLU A 85 32.34 10.75 14.21
C GLU A 85 32.23 9.32 14.76
N ALA A 86 31.07 8.99 15.42
CA ALA A 86 30.95 7.67 16.05
C ALA A 86 31.00 6.49 15.02
N SER A 87 30.61 6.82 13.79
CA SER A 87 30.62 5.88 12.63
C SER A 87 32.05 5.75 12.13
N GLU A 88 32.75 6.91 11.94
CA GLU A 88 34.17 6.93 11.46
C GLU A 88 35.02 6.06 12.36
N GLN A 89 34.83 6.20 13.65
CA GLN A 89 35.61 5.40 14.61
C GLN A 89 35.33 3.91 14.52
N VAL A 90 34.02 3.53 14.35
CA VAL A 90 33.58 2.13 14.29
C VAL A 90 34.15 1.47 13.05
N MET A 91 34.02 2.13 11.91
CA MET A 91 34.49 1.57 10.67
C MET A 91 36.03 1.49 10.68
N GLY A 92 36.72 2.59 11.02
CA GLY A 92 38.25 2.49 11.19
C GLY A 92 38.66 1.23 11.97
N LEU A 93 37.84 0.83 12.97
CA LEU A 93 38.16 -0.34 13.81
C LEU A 93 37.89 -1.62 13.09
N LEU A 94 36.84 -1.57 12.28
CA LEU A 94 36.44 -2.71 11.52
C LEU A 94 37.46 -3.02 10.45
N ARG A 95 38.02 -2.01 9.76
CA ARG A 95 39.11 -2.30 8.80
C ARG A 95 40.37 -2.80 9.49
N ASP A 96 40.68 -2.31 10.69
CA ASP A 96 41.86 -2.74 11.49
C ASP A 96 41.92 -4.25 11.67
N LEU A 97 40.77 -4.95 11.46
CA LEU A 97 40.75 -6.44 11.52
C LEU A 97 41.49 -7.16 10.40
N GLY A 98 41.73 -6.38 9.30
CA GLY A 98 42.48 -6.84 8.08
C GLY A 98 41.66 -7.53 6.98
N HIS A 99 40.34 -7.50 7.08
CA HIS A 99 39.49 -8.16 6.09
C HIS A 99 39.04 -7.08 5.11
N PRO A 100 38.65 -7.49 3.88
CA PRO A 100 37.95 -6.51 3.03
C PRO A 100 36.76 -5.88 3.84
N LEU A 101 36.55 -4.55 3.80
CA LEU A 101 35.44 -3.90 4.48
C LEU A 101 34.71 -2.94 3.56
N GLU A 102 33.41 -3.13 3.41
CA GLU A 102 32.63 -2.29 2.53
C GLU A 102 31.57 -1.55 3.34
N VAL A 103 31.64 -0.21 3.39
CA VAL A 103 30.79 0.55 4.32
C VAL A 103 29.52 0.90 3.61
N TRP A 104 28.35 0.61 4.20
CA TRP A 104 27.05 1.04 3.57
C TRP A 104 26.28 1.85 4.61
N GLY A 105 25.91 3.07 4.40
CA GLY A 105 25.26 3.74 5.54
C GLY A 105 26.23 4.18 6.66
N TRP A 106 25.73 4.98 7.56
CA TRP A 106 26.51 5.37 8.71
C TRP A 106 26.65 4.18 9.68
N ASP A 107 25.64 3.26 9.69
CA ASP A 107 25.62 2.21 10.71
C ASP A 107 25.98 0.78 10.31
N GLU A 108 26.48 0.56 9.08
CA GLU A 108 26.66 -0.78 8.59
C GLU A 108 27.84 -0.86 7.75
N ALA A 109 28.29 -2.09 7.68
CA ALA A 109 29.28 -2.49 6.67
C ALA A 109 29.26 -3.96 6.44
N TYR A 110 29.74 -4.38 5.28
CA TYR A 110 30.01 -5.80 5.00
C TYR A 110 31.51 -6.07 5.13
N LEU A 111 31.84 -7.26 5.62
CA LEU A 111 33.23 -7.70 5.82
C LEU A 111 33.32 -9.09 5.15
N GLY A 112 34.35 -9.26 4.32
CA GLY A 112 34.60 -10.55 3.63
C GLY A 112 35.57 -11.33 4.48
N ALA A 113 35.23 -12.57 4.78
CA ALA A 113 36.21 -13.42 5.50
C ALA A 113 36.25 -14.81 4.88
N ASP A 114 37.36 -15.14 4.24
CA ASP A 114 37.57 -16.52 3.80
C ASP A 114 38.02 -17.26 4.98
N LEU A 115 37.25 -18.22 5.42
CA LEU A 115 37.61 -18.99 6.55
C LEU A 115 37.65 -20.41 6.10
N PRO A 116 38.46 -21.29 6.82
CA PRO A 116 38.53 -22.56 6.11
C PRO A 116 37.45 -23.65 6.57
N ASP A 117 37.74 -24.35 7.66
CA ASP A 117 37.14 -25.64 7.94
C ASP A 117 37.70 -26.12 9.26
N GLU A 118 38.31 -25.17 9.94
CA GLU A 118 37.98 -24.70 11.22
C GLU A 118 38.03 -23.21 10.59
N SER A 119 37.84 -22.12 11.30
CA SER A 119 37.03 -22.08 12.45
C SER A 119 35.72 -21.47 11.97
N ASP A 120 35.04 -20.95 12.94
CA ASP A 120 33.63 -20.71 12.88
C ASP A 120 33.41 -19.22 12.61
N PRO A 121 32.53 -18.89 11.63
CA PRO A 121 32.40 -17.42 11.29
C PRO A 121 31.79 -16.67 12.43
N VAL A 122 31.02 -17.36 13.26
CA VAL A 122 30.53 -16.82 14.53
C VAL A 122 31.63 -16.23 15.46
N GLU A 123 32.85 -16.77 15.43
CA GLU A 123 33.89 -16.32 16.40
C GLU A 123 34.50 -15.08 15.88
N VAL A 124 34.54 -14.96 14.54
CA VAL A 124 34.87 -13.69 13.93
C VAL A 124 33.86 -12.61 14.38
N ALA A 125 32.61 -13.01 14.30
CA ALA A 125 31.50 -12.10 14.64
C ALA A 125 31.58 -11.73 16.15
N GLU A 126 31.88 -12.70 17.00
CA GLU A 126 32.02 -12.43 18.46
C GLU A 126 33.14 -11.44 18.78
N ARG A 127 34.30 -11.65 18.17
CA ARG A 127 35.40 -10.71 18.26
C ARG A 127 35.04 -9.29 17.74
N ILE A 128 34.36 -9.22 16.59
CA ILE A 128 33.85 -7.94 16.09
C ILE A 128 32.95 -7.25 17.13
N ARG A 129 32.03 -8.02 17.73
CA ARG A 129 31.15 -7.51 18.80
C ARG A 129 31.95 -7.04 20.01
N THR A 130 32.92 -7.84 20.42
CA THR A 130 33.71 -7.50 21.64
C THR A 130 34.59 -6.31 21.35
N VAL A 131 35.14 -6.25 20.14
CA VAL A 131 36.03 -5.14 19.87
C VAL A 131 35.26 -3.80 19.88
N VAL A 132 34.21 -3.72 19.08
CA VAL A 132 33.53 -2.42 18.90
C VAL A 132 32.89 -1.99 20.21
N ALA A 133 32.42 -2.94 21.01
CA ALA A 133 31.91 -2.66 22.36
C ALA A 133 33.02 -2.03 23.26
N ALA A 134 34.16 -2.73 23.40
CA ALA A 134 35.19 -2.29 24.36
C ALA A 134 35.82 -1.00 23.95
N GLU A 135 35.97 -0.77 22.65
CA GLU A 135 36.54 0.48 22.24
C GLU A 135 35.57 1.60 22.10
N THR A 136 34.26 1.36 21.79
CA THR A 136 33.38 2.47 21.44
C THR A 136 32.17 2.49 22.41
N GLY A 137 31.95 1.40 23.19
CA GLY A 137 30.77 1.31 24.05
C GLY A 137 29.46 1.05 23.24
N LEU A 138 29.52 0.83 21.91
CA LEU A 138 28.31 0.73 21.06
C LEU A 138 28.07 -0.70 20.81
N SER A 139 26.80 -1.09 20.78
CA SER A 139 26.47 -2.53 20.51
C SER A 139 26.14 -2.76 19.02
N CYS A 140 26.70 -3.81 18.42
CA CYS A 140 26.36 -4.15 17.03
C CYS A 140 25.75 -5.54 16.96
N SER A 141 25.16 -5.86 15.81
CA SER A 141 24.73 -7.21 15.56
C SER A 141 25.40 -7.61 14.20
N VAL A 142 25.48 -8.90 13.96
CA VAL A 142 26.25 -9.43 12.83
C VAL A 142 25.46 -10.54 12.19
N GLY A 143 25.12 -10.32 10.93
CA GLY A 143 24.47 -11.42 10.06
C GLY A 143 25.56 -12.04 9.22
N ILE A 144 25.55 -13.36 9.17
CA ILE A 144 26.60 -14.17 8.52
C ILE A 144 25.97 -14.99 7.41
N SER A 145 26.53 -14.84 6.20
CA SER A 145 26.14 -15.73 5.12
C SER A 145 27.36 -15.84 4.16
N ASP A 146 27.06 -16.10 2.87
CA ASP A 146 28.05 -16.12 1.81
C ASP A 146 27.75 -15.11 0.76
N ASN A 147 26.79 -14.21 1.03
CA ASN A 147 26.57 -13.12 0.11
C ASN A 147 25.95 -11.97 0.85
N LYS A 148 26.03 -10.77 0.30
CA LYS A 148 25.60 -9.57 1.04
C LYS A 148 24.07 -9.58 1.37
N GLN A 149 23.27 -9.82 0.36
CA GLN A 149 21.78 -9.82 0.54
C GLN A 149 21.33 -10.79 1.66
N ARG A 150 21.81 -11.99 1.61
CA ARG A 150 21.45 -12.98 2.60
C ARG A 150 22.06 -12.64 3.96
N ALA A 151 23.32 -12.12 3.99
CA ALA A 151 23.92 -11.74 5.28
C ALA A 151 23.08 -10.60 5.93
N LYS A 152 22.64 -9.61 5.13
CA LYS A 152 21.87 -8.51 5.61
C LYS A 152 20.54 -9.04 6.14
N VAL A 153 19.89 -10.01 5.43
CA VAL A 153 18.72 -10.58 5.97
C VAL A 153 19.02 -11.27 7.33
N ALA A 154 20.15 -11.95 7.43
CA ALA A 154 20.47 -12.62 8.63
C ALA A 154 20.60 -11.61 9.80
N THR A 155 21.09 -10.38 9.53
CA THR A 155 21.33 -9.40 10.60
C THR A 155 19.93 -9.08 11.20
N GLY A 156 18.90 -8.92 10.40
CA GLY A 156 17.56 -8.63 10.98
C GLY A 156 17.18 -9.70 12.06
N PHE A 157 17.61 -10.98 11.90
CA PHE A 157 17.34 -12.03 12.94
C PHE A 157 18.30 -11.87 14.08
N ALA A 158 19.51 -11.34 13.82
CA ALA A 158 20.57 -11.23 14.83
C ALA A 158 20.28 -10.15 15.82
N LYS A 159 19.57 -9.10 15.40
CA LYS A 159 19.27 -8.03 16.31
C LYS A 159 18.36 -8.53 17.47
N PRO A 160 18.48 -7.93 18.70
CA PRO A 160 19.51 -6.93 19.03
C PRO A 160 20.70 -7.61 19.70
N ALA A 161 21.87 -7.01 19.58
CA ALA A 161 23.14 -7.39 20.20
C ALA A 161 23.44 -8.85 20.03
N GLY A 162 23.23 -9.40 18.80
CA GLY A 162 23.38 -10.81 18.57
C GLY A 162 24.07 -11.12 17.25
N ILE A 163 23.99 -12.38 16.91
CA ILE A 163 24.68 -12.93 15.70
C ILE A 163 23.74 -13.97 15.12
N TYR A 164 23.68 -14.14 13.79
CA TYR A 164 22.80 -15.17 13.17
C TYR A 164 23.38 -15.60 11.86
N VAL A 165 23.40 -16.90 11.60
CA VAL A 165 23.98 -17.49 10.39
C VAL A 165 22.81 -17.93 9.52
N LEU A 166 22.76 -17.42 8.29
CA LEU A 166 21.75 -17.81 7.36
C LEU A 166 22.41 -18.24 6.07
N THR A 167 22.26 -19.52 5.70
CA THR A 167 22.89 -20.11 4.50
C THR A 167 21.89 -20.94 3.69
N GLU A 168 22.39 -21.64 2.67
CA GLU A 168 21.56 -22.64 1.91
C GLU A 168 20.90 -23.64 2.82
N ALA A 169 21.51 -23.93 3.99
CA ALA A 169 20.95 -25.06 4.83
C ALA A 169 19.62 -24.57 5.42
N ASN A 170 19.59 -23.30 5.87
CA ASN A 170 18.40 -22.86 6.57
C ASN A 170 17.56 -21.71 5.88
N TRP A 171 17.94 -21.38 4.64
CA TRP A 171 17.28 -20.33 3.89
C TRP A 171 15.77 -20.55 3.81
N MET A 172 15.41 -21.42 2.96
CA MET A 172 14.13 -21.71 2.74
C MET A 172 13.39 -22.07 3.92
N THR A 173 13.93 -22.73 4.89
CA THR A 173 13.21 -23.01 6.05
C THR A 173 12.86 -21.80 6.81
N VAL A 174 13.69 -20.85 6.89
CA VAL A 174 13.49 -19.62 7.53
C VAL A 174 12.68 -18.66 6.77
N MET A 175 13.00 -18.44 5.54
CA MET A 175 12.40 -17.55 4.67
C MET A 175 11.18 -17.91 3.85
N GLY A 176 10.91 -19.15 3.71
CA GLY A 176 9.92 -19.61 2.73
C GLY A 176 8.51 -18.99 2.72
N ASP A 177 7.93 -18.77 3.91
CA ASP A 177 6.57 -18.30 3.96
C ASP A 177 6.53 -16.82 4.16
N ARG A 178 7.68 -16.15 4.11
CA ARG A 178 7.68 -14.68 4.28
C ARG A 178 7.36 -13.97 2.97
N PRO A 179 6.79 -12.78 3.09
CA PRO A 179 6.38 -12.07 1.89
C PRO A 179 7.62 -11.66 1.06
N PRO A 180 7.46 -11.50 -0.26
CA PRO A 180 8.61 -11.29 -1.08
C PRO A 180 9.42 -10.04 -0.67
N ASP A 181 8.82 -9.06 0.04
CA ASP A 181 9.58 -7.77 0.35
C ASP A 181 10.46 -7.98 1.57
N ALA A 182 10.49 -9.20 2.11
CA ALA A 182 11.56 -9.45 3.03
C ALA A 182 12.90 -9.64 2.33
N LEU A 183 12.93 -9.66 1.03
CA LEU A 183 14.17 -9.89 0.27
C LEU A 183 14.74 -8.49 0.08
N TRP A 184 16.09 -8.43 0.10
CA TRP A 184 16.75 -7.15 0.04
C TRP A 184 16.69 -6.68 -1.39
N GLY A 185 15.96 -5.55 -1.67
CA GLY A 185 15.89 -5.15 -3.03
C GLY A 185 14.46 -5.35 -3.57
N VAL A 186 13.55 -6.00 -2.80
CA VAL A 186 12.12 -6.04 -3.12
C VAL A 186 11.32 -5.24 -2.17
N GLY A 187 10.55 -4.31 -2.68
CA GLY A 187 9.69 -3.57 -1.78
C GLY A 187 8.19 -3.68 -2.09
N PRO A 188 7.35 -2.75 -1.52
CA PRO A 188 5.88 -2.89 -1.62
C PRO A 188 5.32 -2.85 -3.10
N LYS A 189 5.98 -2.17 -4.02
CA LYS A 189 5.49 -2.13 -5.38
C LYS A 189 5.72 -3.46 -6.12
N THR A 190 6.94 -4.04 -5.99
CA THR A 190 7.23 -5.27 -6.61
C THR A 190 6.32 -6.32 -5.90
N THR A 191 6.17 -6.21 -4.59
CA THR A 191 5.30 -7.13 -3.91
C THR A 191 3.88 -7.14 -4.45
N LYS A 192 3.35 -5.93 -4.69
CA LYS A 192 1.94 -5.93 -5.13
C LYS A 192 1.90 -6.56 -6.55
N LYS A 193 2.93 -6.25 -7.40
CA LYS A 193 2.91 -6.78 -8.76
C LYS A 193 2.99 -8.33 -8.70
N LEU A 194 3.78 -8.92 -7.77
CA LEU A 194 3.88 -10.35 -7.62
C LEU A 194 2.58 -10.94 -7.10
N ALA A 195 1.85 -10.18 -6.32
CA ALA A 195 0.63 -10.74 -5.70
C ALA A 195 -0.43 -10.85 -6.81
N ALA A 196 -0.39 -9.92 -7.75
CA ALA A 196 -1.25 -9.97 -8.94
C ALA A 196 -0.88 -11.11 -9.89
N MET A 197 0.28 -11.79 -9.69
CA MET A 197 0.64 -12.95 -10.42
C MET A 197 0.47 -14.23 -9.59
N GLY A 198 -0.08 -14.12 -8.39
CA GLY A 198 -0.28 -15.35 -7.52
C GLY A 198 0.96 -15.69 -6.68
N ILE A 199 1.87 -14.74 -6.52
CA ILE A 199 3.10 -15.00 -5.79
C ILE A 199 3.10 -14.14 -4.56
N THR A 200 2.94 -14.78 -3.39
CA THR A 200 2.85 -14.04 -2.11
C THR A 200 3.95 -14.37 -1.12
N THR A 201 4.89 -15.28 -1.46
CA THR A 201 5.90 -15.62 -0.46
C THR A 201 7.25 -15.85 -1.20
N VAL A 202 8.33 -15.88 -0.44
CA VAL A 202 9.65 -16.13 -1.04
C VAL A 202 9.63 -17.53 -1.71
N ALA A 203 9.06 -18.56 -1.07
CA ALA A 203 9.03 -19.91 -1.66
C ALA A 203 8.28 -19.84 -2.95
N ASP A 204 7.11 -19.12 -3.05
CA ASP A 204 6.40 -19.03 -4.32
C ASP A 204 7.36 -18.44 -5.34
N LEU A 205 8.08 -17.33 -4.99
CA LEU A 205 8.78 -16.61 -6.00
C LEU A 205 9.99 -17.48 -6.44
N ALA A 206 10.56 -18.27 -5.53
CA ALA A 206 11.77 -19.01 -5.83
C ALA A 206 11.44 -20.08 -6.84
N VAL A 207 10.21 -20.55 -6.92
CA VAL A 207 9.84 -21.58 -7.97
C VAL A 207 9.08 -21.05 -9.16
N THR A 208 9.04 -19.72 -9.29
CA THR A 208 8.25 -19.10 -10.37
C THR A 208 9.02 -19.27 -11.66
N ASP A 209 8.32 -19.57 -12.75
CA ASP A 209 8.95 -19.69 -14.05
C ASP A 209 9.69 -18.40 -14.46
N PRO A 210 10.97 -18.51 -14.89
CA PRO A 210 11.80 -17.34 -15.22
C PRO A 210 11.16 -16.51 -16.24
N SER A 211 10.57 -17.15 -17.29
CA SER A 211 9.94 -16.31 -18.31
C SER A 211 8.81 -15.48 -17.80
N VAL A 212 8.06 -15.94 -16.78
CA VAL A 212 6.91 -15.12 -16.20
C VAL A 212 7.60 -13.87 -15.62
N LEU A 213 8.74 -14.03 -14.96
CA LEU A 213 9.36 -12.89 -14.29
C LEU A 213 10.11 -12.00 -15.26
N THR A 214 10.70 -12.58 -16.31
CA THR A 214 11.43 -11.72 -17.21
C THR A 214 10.42 -10.97 -18.09
N THR A 215 9.30 -11.57 -18.45
CA THR A 215 8.29 -10.78 -19.22
C THR A 215 7.78 -9.55 -18.39
N ALA A 216 7.59 -9.76 -17.09
CA ALA A 216 6.90 -8.76 -16.31
C ALA A 216 7.85 -7.73 -15.83
N PHE A 217 9.13 -8.11 -15.59
CA PHE A 217 10.13 -7.26 -14.89
C PHE A 217 11.40 -6.88 -15.67
N GLY A 218 11.63 -7.54 -16.79
CA GLY A 218 12.80 -7.24 -17.55
C GLY A 218 13.65 -8.51 -17.59
N PRO A 219 14.49 -8.60 -18.62
CA PRO A 219 15.22 -9.85 -18.79
C PRO A 219 16.28 -10.05 -17.73
N SER A 220 16.71 -8.97 -17.09
CA SER A 220 17.71 -9.02 -16.04
C SER A 220 17.09 -8.96 -14.62
N THR A 221 16.20 -8.01 -14.40
CA THR A 221 15.47 -7.92 -13.14
C THR A 221 14.66 -9.20 -12.80
N GLY A 222 14.04 -9.83 -13.78
CA GLY A 222 13.18 -11.04 -13.53
C GLY A 222 14.13 -12.11 -12.95
N LEU A 223 15.34 -12.21 -13.48
CA LEU A 223 16.26 -13.27 -13.04
C LEU A 223 16.83 -12.97 -11.66
N TRP A 224 17.04 -11.68 -11.43
CA TRP A 224 17.56 -11.23 -10.16
C TRP A 224 16.59 -11.53 -9.04
N LEU A 225 15.29 -11.30 -9.25
CA LEU A 225 14.28 -11.63 -8.23
C LEU A 225 14.30 -13.16 -7.92
N LEU A 226 14.47 -13.96 -8.94
CA LEU A 226 14.58 -15.38 -8.72
C LEU A 226 15.81 -15.71 -7.89
N LEU A 227 16.97 -15.13 -8.27
CA LEU A 227 18.17 -15.28 -7.45
C LEU A 227 18.02 -14.90 -6.02
N LEU A 228 17.39 -13.77 -5.78
CA LEU A 228 17.25 -13.26 -4.40
C LEU A 228 16.31 -14.18 -3.63
N ALA A 229 15.26 -14.69 -4.31
CA ALA A 229 14.28 -15.58 -3.60
C ALA A 229 14.95 -16.87 -3.19
N LYS A 230 15.88 -17.33 -4.04
CA LYS A 230 16.67 -18.56 -3.70
C LYS A 230 17.81 -18.29 -2.71
N GLY A 231 17.95 -17.04 -2.22
CA GLY A 231 18.93 -16.76 -1.21
C GLY A 231 20.25 -16.26 -1.75
N GLY A 232 20.32 -15.89 -3.04
CA GLY A 232 21.66 -15.58 -3.60
C GLY A 232 21.82 -14.09 -3.47
N GLY A 233 22.98 -13.61 -3.90
CA GLY A 233 23.17 -12.15 -3.81
C GLY A 233 24.59 -11.85 -4.34
N ASP A 234 25.00 -10.56 -4.22
CA ASP A 234 26.40 -10.17 -4.46
C ASP A 234 27.37 -10.81 -3.42
N THR A 235 28.43 -11.45 -3.87
CA THR A 235 29.32 -12.09 -2.95
C THR A 235 30.61 -11.28 -2.74
N GLU A 236 30.89 -10.26 -3.55
CA GLU A 236 32.24 -9.74 -3.38
C GLU A 236 32.23 -8.49 -2.49
N VAL A 237 33.14 -8.46 -1.52
CA VAL A 237 33.25 -7.30 -0.63
C VAL A 237 34.42 -6.48 -1.11
N SER A 238 34.11 -5.28 -1.59
CA SER A 238 35.18 -4.47 -2.09
C SER A 238 35.64 -3.46 -1.06
N SER A 239 36.94 -3.31 -0.92
CA SER A 239 37.41 -2.31 0.02
C SER A 239 37.70 -0.96 -0.67
N GLU A 240 37.37 -0.82 -1.94
CA GLU A 240 37.75 0.39 -2.68
C GLU A 240 36.93 1.55 -2.17
N PRO A 241 37.48 2.77 -2.10
CA PRO A 241 36.63 3.83 -1.59
C PRO A 241 35.33 4.07 -2.51
N TRP A 242 34.20 4.35 -1.90
CA TRP A 242 33.01 4.65 -2.64
C TRP A 242 33.21 6.01 -3.32
N VAL A 243 32.82 6.20 -4.60
CA VAL A 243 32.89 7.57 -5.21
C VAL A 243 31.47 8.00 -5.52
N PRO A 244 30.98 9.03 -4.83
CA PRO A 244 29.54 9.34 -4.96
C PRO A 244 29.29 9.73 -6.46
N ARG A 245 28.10 9.41 -6.94
CA ARG A 245 27.61 9.82 -8.31
C ARG A 245 26.90 11.13 -8.26
N SER A 246 26.36 11.46 -7.07
CA SER A 246 25.61 12.66 -7.03
C SER A 246 25.75 13.28 -5.61
N ARG A 247 25.36 14.54 -5.44
CA ARG A 247 25.16 15.07 -4.09
C ARG A 247 23.90 15.94 -4.20
N SER A 248 23.08 16.03 -3.13
CA SER A 248 21.82 16.77 -3.23
C SER A 248 21.47 17.35 -1.88
N HIS A 249 20.56 18.29 -1.91
CA HIS A 249 19.94 18.87 -0.69
C HIS A 249 18.49 19.20 -1.09
N VAL A 250 17.55 18.76 -0.29
CA VAL A 250 16.12 19.10 -0.40
C VAL A 250 15.72 19.76 0.92
N VAL A 251 14.58 20.43 0.90
CA VAL A 251 14.12 21.16 2.12
C VAL A 251 12.59 21.14 1.98
N THR A 252 11.93 20.70 3.03
CA THR A 252 10.51 20.81 3.11
C THR A 252 10.25 21.96 4.01
N PHE A 253 9.52 22.95 3.50
CA PHE A 253 9.43 24.27 4.14
C PHE A 253 8.37 24.09 5.25
N PRO A 254 8.56 24.80 6.35
CA PRO A 254 7.66 24.66 7.44
C PRO A 254 6.23 25.11 7.00
N GLN A 255 6.16 25.99 5.98
CA GLN A 255 4.86 26.49 5.42
C GLN A 255 4.94 26.54 3.91
N ASP A 256 3.94 25.95 3.20
CA ASP A 256 4.02 25.87 1.74
C ASP A 256 4.31 27.24 1.11
N LEU A 257 5.24 27.27 0.13
CA LEU A 257 5.66 28.50 -0.56
C LEU A 257 4.65 28.93 -1.60
N THR A 258 4.19 30.19 -1.47
CA THR A 258 3.31 30.80 -2.53
C THR A 258 3.97 31.82 -3.49
N GLU A 259 5.13 32.37 -3.07
CA GLU A 259 5.85 33.38 -3.82
C GLU A 259 7.02 32.84 -4.63
N ARG A 260 6.95 33.08 -5.95
CA ARG A 260 8.05 32.73 -6.84
C ARG A 260 9.40 33.14 -6.31
N ARG A 261 9.51 34.34 -5.71
CA ARG A 261 10.80 34.92 -5.29
C ARG A 261 11.44 34.06 -4.25
N GLU A 262 10.61 33.54 -3.38
CA GLU A 262 11.06 32.55 -2.41
C GLU A 262 11.43 31.23 -3.02
N MET A 263 10.76 30.83 -4.06
CA MET A 263 11.13 29.60 -4.68
C MET A 263 12.50 29.73 -5.37
N ASP A 264 12.74 30.82 -6.09
CA ASP A 264 13.98 31.00 -6.85
C ASP A 264 15.15 31.07 -5.93
N SER A 265 14.96 31.83 -4.87
CA SER A 265 16.08 32.07 -4.04
C SER A 265 16.32 30.73 -3.19
N ALA A 266 15.31 29.87 -2.98
CA ALA A 266 15.62 28.57 -2.22
C ALA A 266 16.43 27.66 -3.14
N VAL A 267 15.99 27.57 -4.41
CA VAL A 267 16.77 26.84 -5.43
C VAL A 267 18.16 27.34 -5.58
N ARG A 268 18.33 28.65 -5.66
CA ARG A 268 19.64 29.22 -5.81
C ARG A 268 20.53 28.77 -4.60
N ASP A 269 19.97 28.86 -3.39
CA ASP A 269 20.69 28.53 -2.16
C ASP A 269 21.08 27.07 -2.10
N LEU A 270 20.16 26.23 -2.54
CA LEU A 270 20.42 24.80 -2.52
C LEU A 270 21.51 24.44 -3.50
N ALA A 271 21.43 25.06 -4.68
CA ALA A 271 22.44 24.85 -5.71
C ALA A 271 23.82 25.29 -5.20
N LEU A 272 23.86 26.47 -4.59
CA LEU A 272 25.15 27.03 -4.25
C LEU A 272 25.79 26.23 -3.05
N GLN A 273 24.93 25.81 -2.11
CA GLN A 273 25.44 24.95 -1.00
C GLN A 273 25.95 23.61 -1.48
N THR A 274 25.13 22.94 -2.30
CA THR A 274 25.62 21.67 -2.85
C THR A 274 26.89 21.78 -3.71
N LEU A 275 26.93 22.80 -4.58
CA LEU A 275 28.15 23.00 -5.39
C LEU A 275 29.41 23.25 -4.53
N ALA A 276 29.23 24.07 -3.50
CA ALA A 276 30.39 24.37 -2.61
C ALA A 276 30.89 23.03 -1.95
N GLU A 277 29.96 22.14 -1.58
CA GLU A 277 30.40 20.84 -0.98
C GLU A 277 31.07 19.96 -1.97
N ILE A 278 30.56 19.89 -3.19
CA ILE A 278 31.21 18.98 -4.13
C ILE A 278 32.57 19.56 -4.58
N VAL A 279 32.70 20.87 -4.55
CA VAL A 279 34.01 21.44 -4.97
C VAL A 279 35.05 21.09 -3.85
N GLU A 280 34.57 21.11 -2.58
CA GLU A 280 35.45 20.71 -1.44
C GLU A 280 35.98 19.33 -1.70
N GLN A 281 35.19 18.47 -2.40
CA GLN A 281 35.52 17.02 -2.60
C GLN A 281 36.23 16.80 -3.87
N GLY A 282 36.64 17.89 -4.50
CA GLY A 282 37.27 17.89 -5.79
C GLY A 282 36.47 17.26 -6.87
N ARG A 283 35.16 17.54 -6.96
CA ARG A 283 34.26 16.92 -7.98
C ARG A 283 33.83 17.91 -9.03
N ILE A 284 33.26 17.45 -10.14
CA ILE A 284 32.81 18.39 -11.18
C ILE A 284 31.39 17.97 -11.44
N VAL A 285 30.56 18.96 -11.70
CA VAL A 285 29.17 18.74 -11.99
C VAL A 285 28.89 18.40 -13.50
N THR A 286 28.03 17.44 -13.77
CA THR A 286 27.66 17.10 -15.15
C THR A 286 26.20 17.50 -15.41
N ARG A 287 25.29 17.20 -14.47
CA ARG A 287 23.88 17.50 -14.64
C ARG A 287 23.30 18.21 -13.41
N VAL A 288 22.24 19.00 -13.62
CA VAL A 288 21.61 19.73 -12.54
C VAL A 288 20.17 19.21 -12.50
N ALA A 289 19.76 18.63 -11.38
CA ALA A 289 18.32 18.24 -11.26
C ALA A 289 17.58 19.05 -10.21
N VAL A 290 16.38 19.50 -10.54
CA VAL A 290 15.61 20.33 -9.56
C VAL A 290 14.33 19.54 -9.32
N THR A 291 14.00 19.38 -8.04
CA THR A 291 12.75 18.69 -7.62
C THR A 291 11.77 19.68 -7.00
N VAL A 292 10.50 19.54 -7.41
CA VAL A 292 9.39 20.29 -6.90
C VAL A 292 8.31 19.32 -6.39
N ARG A 293 7.94 19.55 -5.13
CA ARG A 293 6.77 18.90 -4.65
C ARG A 293 5.69 19.85 -4.11
N THR A 294 4.44 19.58 -4.51
CA THR A 294 3.30 20.49 -4.29
C THR A 294 2.69 20.18 -2.94
N SER A 295 1.75 21.04 -2.53
CA SER A 295 1.03 20.79 -1.24
C SER A 295 0.23 19.52 -1.21
N THR A 296 -0.12 19.00 -2.37
CA THR A 296 -0.83 17.73 -2.46
C THR A 296 0.21 16.60 -2.56
N PHE A 297 1.51 16.91 -2.33
CA PHE A 297 2.57 15.92 -2.28
C PHE A 297 2.88 15.39 -3.70
N TYR A 298 2.58 16.23 -4.71
CA TYR A 298 2.85 15.82 -6.09
C TYR A 298 4.31 16.27 -6.41
N THR A 299 5.12 15.26 -6.77
CA THR A 299 6.56 15.37 -6.85
C THR A 299 7.08 14.99 -8.23
N ARG A 300 7.82 15.93 -8.87
CA ARG A 300 8.42 15.66 -10.15
C ARG A 300 9.83 16.24 -10.07
N THR A 301 10.74 15.58 -10.79
CA THR A 301 12.09 16.02 -10.94
C THR A 301 12.34 16.31 -12.40
N LYS A 302 12.91 17.51 -12.69
CA LYS A 302 13.53 17.76 -14.03
C LYS A 302 15.05 17.88 -13.92
N ILE A 303 15.70 17.32 -14.91
CA ILE A 303 17.17 17.36 -14.96
C ILE A 303 17.72 17.88 -16.28
N ARG A 304 18.73 18.74 -16.19
CA ARG A 304 19.42 19.25 -17.37
C ARG A 304 20.93 19.01 -17.35
N LYS A 305 21.42 18.45 -18.45
CA LYS A 305 22.90 18.27 -18.60
C LYS A 305 23.59 19.60 -19.02
N LEU A 306 24.64 19.96 -18.32
CA LEU A 306 25.39 21.12 -18.68
C LEU A 306 26.13 20.87 -20.02
N PRO A 307 26.35 21.96 -20.80
CA PRO A 307 27.01 21.77 -22.14
C PRO A 307 28.32 20.93 -22.01
N ALA A 308 29.10 21.20 -20.98
CA ALA A 308 30.26 20.44 -20.57
C ALA A 308 30.29 20.44 -19.01
N PRO A 309 31.04 19.48 -18.44
CA PRO A 309 31.17 19.44 -16.95
C PRO A 309 31.74 20.71 -16.42
N SER A 310 31.38 21.17 -15.23
CA SER A 310 31.83 22.47 -14.76
C SER A 310 31.58 22.53 -13.22
N THR A 311 32.23 23.49 -12.58
CA THR A 311 31.90 23.90 -11.24
C THR A 311 31.61 25.40 -11.17
N ASP A 312 31.24 26.02 -12.31
CA ASP A 312 31.01 27.45 -12.36
C ASP A 312 29.66 27.76 -11.66
N ALA A 313 29.68 28.58 -10.63
CA ALA A 313 28.50 28.86 -9.78
C ALA A 313 27.45 29.64 -10.53
N GLY A 314 27.85 30.65 -11.32
CA GLY A 314 26.89 31.39 -12.17
C GLY A 314 26.20 30.46 -13.16
N GLN A 315 26.96 29.61 -13.82
CA GLN A 315 26.38 28.61 -14.72
C GLN A 315 25.41 27.61 -14.04
N ILE A 316 25.85 27.11 -12.90
CA ILE A 316 25.06 26.16 -12.14
C ILE A 316 23.74 26.78 -11.55
N VAL A 317 23.86 27.99 -10.98
CA VAL A 317 22.68 28.67 -10.46
C VAL A 317 21.67 28.96 -11.61
N ASP A 318 22.18 29.47 -12.75
CA ASP A 318 21.28 29.75 -13.84
C ASP A 318 20.64 28.55 -14.42
N THR A 319 21.45 27.48 -14.53
CA THR A 319 20.91 26.15 -14.90
C THR A 319 19.73 25.72 -13.98
N ALA A 320 20.00 25.82 -12.67
CA ALA A 320 18.99 25.44 -11.62
C ALA A 320 17.73 26.30 -11.78
N LEU A 321 17.88 27.62 -11.92
CA LEU A 321 16.68 28.47 -12.05
C LEU A 321 16.01 28.23 -13.44
N ALA A 322 16.77 27.97 -14.51
CA ALA A 322 16.08 27.61 -15.76
C ALA A 322 15.28 26.33 -15.64
N VAL A 323 15.86 25.30 -15.03
CA VAL A 323 15.12 24.03 -14.82
C VAL A 323 13.87 24.26 -13.92
N LEU A 324 13.99 25.15 -12.96
CA LEU A 324 12.87 25.44 -12.03
C LEU A 324 11.77 26.10 -12.84
N ASP A 325 12.19 27.00 -13.73
CA ASP A 325 11.26 27.78 -14.60
C ASP A 325 10.32 26.99 -15.50
N GLN A 326 10.66 25.75 -15.82
CA GLN A 326 9.85 24.88 -16.65
C GLN A 326 8.74 24.20 -15.85
N PHE A 327 8.74 24.38 -14.52
CA PHE A 327 7.65 23.87 -13.70
C PHE A 327 6.44 24.83 -13.74
N GLU A 328 5.31 24.44 -13.18
CA GLU A 328 4.29 25.41 -12.93
C GLU A 328 4.40 25.68 -11.45
N LEU A 329 4.28 26.96 -11.04
CA LEU A 329 3.81 27.23 -9.69
C LEU A 329 2.30 27.33 -9.74
N ASP A 330 1.60 26.38 -10.35
CA ASP A 330 0.11 26.53 -10.25
C ASP A 330 -0.39 26.42 -8.81
N ARG A 331 0.34 25.62 -8.01
CA ARG A 331 -0.03 25.27 -6.63
C ARG A 331 1.12 25.62 -5.61
N PRO A 332 0.73 25.73 -4.29
CA PRO A 332 1.83 26.08 -3.41
C PRO A 332 2.80 24.89 -3.30
N VAL A 333 4.04 25.26 -2.97
CA VAL A 333 5.16 24.34 -2.98
C VAL A 333 5.57 23.91 -1.56
N ARG A 334 5.52 22.59 -1.37
CA ARG A 334 5.94 22.00 -0.02
C ARG A 334 7.47 21.79 0.08
N LEU A 335 8.13 21.39 -1.03
CA LEU A 335 9.57 21.07 -1.00
C LEU A 335 10.18 21.39 -2.33
N LEU A 336 11.46 21.78 -2.28
CA LEU A 336 12.31 22.01 -3.45
C LEU A 336 13.63 21.37 -3.11
N GLY A 337 14.28 20.87 -4.13
CA GLY A 337 15.53 20.14 -3.94
C GLY A 337 16.45 20.38 -5.14
N VAL A 338 17.77 20.35 -4.92
CA VAL A 338 18.69 20.28 -6.00
C VAL A 338 19.61 19.15 -5.83
N ARG A 339 19.85 18.43 -6.94
CA ARG A 339 20.73 17.36 -6.93
C ARG A 339 21.72 17.72 -8.05
N LEU A 340 23.02 17.52 -7.77
CA LEU A 340 24.01 17.72 -8.78
C LEU A 340 24.66 16.36 -9.09
N GLU A 341 24.57 15.93 -10.34
CA GLU A 341 25.24 14.72 -10.72
C GLU A 341 26.67 15.09 -11.04
N LEU A 342 27.58 14.13 -10.89
CA LEU A 342 28.97 14.39 -10.82
C LEU A 342 29.75 13.56 -11.84
N ALA A 343 30.77 14.12 -12.49
CA ALA A 343 31.67 13.35 -13.37
C ALA A 343 32.31 12.14 -12.66
N MET A 344 32.34 10.94 -13.25
CA MET A 344 32.96 9.76 -12.61
C MET A 344 34.29 9.39 -13.20
N ASP A 345 34.59 9.83 -14.42
CA ASP A 345 35.61 9.13 -15.22
C ASP A 345 37.03 9.24 -14.68
N ASP A 346 37.31 10.27 -13.84
CA ASP A 346 38.70 10.58 -13.32
C ASP A 346 39.24 10.22 -11.89
N VAL A 347 38.71 10.82 -10.80
CA VAL A 347 38.96 10.29 -9.41
C VAL A 347 37.68 9.96 -8.63
N MET D 1 -38.13 0.26 21.23
CA MET D 1 -37.33 0.07 22.51
C MET D 1 -35.82 0.00 22.23
N THR D 2 -35.32 -1.12 21.71
CA THR D 2 -34.08 -1.07 20.89
C THR D 2 -34.40 -1.19 19.38
N LYS D 3 -33.91 -0.23 18.59
CA LYS D 3 -33.96 -0.32 17.12
C LYS D 3 -32.73 -1.09 16.60
N TRP D 4 -32.86 -2.43 16.50
CA TRP D 4 -31.81 -3.27 16.01
C TRP D 4 -31.61 -3.19 14.53
N VAL D 5 -30.34 -3.24 14.08
CA VAL D 5 -30.07 -3.36 12.65
C VAL D 5 -29.40 -4.72 12.38
N LEU D 6 -29.96 -5.52 11.47
CA LEU D 6 -29.42 -6.85 11.18
C LEU D 6 -28.90 -6.89 9.76
N HIS D 7 -27.68 -7.36 9.61
CA HIS D 7 -27.05 -7.34 8.25
C HIS D 7 -27.02 -8.80 7.85
N VAL D 8 -27.70 -9.14 6.77
CA VAL D 8 -27.75 -10.52 6.32
C VAL D 8 -26.94 -10.65 5.09
N ASP D 9 -26.00 -11.62 5.13
CA ASP D 9 -24.98 -11.72 4.11
C ASP D 9 -24.84 -13.25 3.66
N LEU D 10 -25.12 -13.51 2.41
CA LEU D 10 -25.07 -14.94 1.84
C LEU D 10 -23.63 -15.44 1.82
N ASP D 11 -23.37 -16.62 2.39
CA ASP D 11 -21.99 -17.11 2.49
C ASP D 11 -21.46 -17.54 1.11
N GLN D 12 -20.23 -17.08 0.73
CA GLN D 12 -19.52 -17.42 -0.56
C GLN D 12 -20.54 -17.54 -1.67
N PHE D 13 -21.17 -16.40 -1.97
CA PHE D 13 -22.45 -16.51 -2.58
C PHE D 13 -22.40 -17.29 -3.95
N TYR D 14 -21.64 -16.81 -4.93
CA TYR D 14 -21.59 -17.44 -6.29
C TYR D 14 -21.07 -18.91 -6.23
N ALA D 15 -20.10 -19.17 -5.39
CA ALA D 15 -19.67 -20.59 -5.18
C ALA D 15 -20.84 -21.39 -4.62
N SER D 16 -21.63 -20.81 -3.70
CA SER D 16 -22.78 -21.59 -3.07
C SER D 16 -23.87 -21.90 -4.08
N VAL D 17 -24.09 -20.93 -5.00
CA VAL D 17 -25.05 -21.16 -6.01
C VAL D 17 -24.57 -22.33 -6.93
N GLU D 18 -23.31 -22.26 -7.38
CA GLU D 18 -22.85 -23.35 -8.24
C GLU D 18 -22.92 -24.67 -7.45
N LEU D 19 -22.44 -24.70 -6.20
CA LEU D 19 -22.46 -25.92 -5.38
C LEU D 19 -23.87 -26.54 -5.27
N ARG D 20 -24.86 -25.67 -5.06
CA ARG D 20 -26.25 -26.08 -5.03
C ARG D 20 -26.63 -26.93 -6.27
N ARG D 21 -26.16 -26.55 -7.46
CA ARG D 21 -26.43 -27.39 -8.67
C ARG D 21 -25.31 -28.38 -9.04
N ARG D 22 -24.22 -28.39 -8.29
CA ARG D 22 -23.15 -29.27 -8.62
C ARG D 22 -22.71 -30.04 -7.36
N PRO D 23 -23.48 -31.05 -6.88
CA PRO D 23 -22.99 -31.83 -5.68
C PRO D 23 -21.69 -32.63 -5.96
N ASP D 24 -21.35 -32.76 -7.23
CA ASP D 24 -20.10 -33.43 -7.58
C ASP D 24 -18.84 -32.61 -7.22
N LEU D 25 -19.06 -31.34 -6.80
CA LEU D 25 -17.97 -30.45 -6.53
C LEU D 25 -17.76 -30.31 -5.07
N ARG D 26 -18.57 -31.10 -4.28
CA ARG D 26 -18.56 -30.85 -2.83
C ARG D 26 -17.16 -31.13 -2.24
N GLY D 27 -16.72 -30.38 -1.24
CA GLY D 27 -15.34 -30.47 -0.71
C GLY D 27 -14.19 -30.16 -1.68
N GLN D 28 -14.46 -29.73 -2.93
CA GLN D 28 -13.36 -29.29 -3.86
C GLN D 28 -13.10 -27.73 -3.84
N PRO D 29 -11.92 -27.25 -4.28
CA PRO D 29 -11.83 -25.78 -4.59
C PRO D 29 -12.57 -25.44 -5.88
N VAL D 30 -13.62 -24.65 -5.77
CA VAL D 30 -14.33 -24.09 -6.86
C VAL D 30 -14.00 -22.61 -6.95
N ILE D 31 -13.71 -22.17 -8.18
CA ILE D 31 -13.37 -20.79 -8.43
C ILE D 31 -14.23 -20.23 -9.58
N VAL D 32 -15.03 -19.24 -9.26
CA VAL D 32 -15.92 -18.62 -10.27
C VAL D 32 -15.27 -17.37 -10.87
N GLY D 33 -15.27 -17.25 -12.19
CA GLY D 33 -14.81 -16.01 -12.80
C GLY D 33 -14.48 -16.22 -14.26
N GLY D 34 -14.60 -15.11 -15.00
CA GLY D 34 -14.22 -15.14 -16.43
C GLY D 34 -15.13 -16.09 -17.18
N SER D 35 -14.57 -16.88 -18.06
CA SER D 35 -15.28 -17.80 -18.92
C SER D 35 -15.00 -19.21 -18.41
N GLY D 36 -14.48 -19.35 -17.18
CA GLY D 36 -14.08 -20.70 -16.68
C GLY D 36 -12.70 -21.11 -17.25
N ASP D 37 -12.04 -20.17 -17.95
CA ASP D 37 -10.76 -20.48 -18.62
C ASP D 37 -9.63 -19.76 -17.87
N PRO D 38 -8.92 -20.50 -16.96
CA PRO D 38 -7.96 -19.87 -16.03
C PRO D 38 -6.65 -19.37 -16.73
N SER D 39 -6.48 -19.70 -18.01
CA SER D 39 -5.33 -19.20 -18.75
C SER D 39 -5.56 -17.77 -19.33
N GLU D 40 -6.77 -17.24 -19.27
CA GLU D 40 -7.00 -15.99 -19.94
C GLU D 40 -6.42 -14.84 -19.05
N PRO D 41 -5.59 -13.99 -19.63
CA PRO D 41 -5.12 -12.74 -18.89
C PRO D 41 -6.28 -11.75 -18.69
N ARG D 42 -6.10 -10.78 -17.75
CA ARG D 42 -7.07 -9.69 -17.60
C ARG D 42 -8.50 -10.01 -17.24
N LYS D 43 -8.66 -11.05 -16.47
CA LYS D 43 -9.92 -11.46 -15.88
C LYS D 43 -9.70 -11.95 -14.42
N VAL D 44 -10.77 -11.89 -13.64
CA VAL D 44 -10.56 -12.03 -12.22
C VAL D 44 -11.48 -13.05 -11.62
N VAL D 45 -11.11 -13.56 -10.46
CA VAL D 45 -11.97 -14.33 -9.66
C VAL D 45 -13.11 -13.45 -9.18
N THR D 46 -14.34 -13.94 -9.32
CA THR D 46 -15.46 -13.28 -8.83
C THR D 46 -16.01 -13.93 -7.54
N CYS D 47 -15.74 -15.22 -7.26
CA CYS D 47 -15.91 -15.83 -5.97
C CYS D 47 -15.08 -17.08 -5.83
N ALA D 48 -14.46 -17.24 -4.67
CA ALA D 48 -13.67 -18.47 -4.48
C ALA D 48 -14.40 -19.18 -3.35
N SER D 49 -14.66 -20.46 -3.52
CA SER D 49 -15.21 -21.27 -2.39
C SER D 49 -14.21 -21.32 -1.21
N TYR D 50 -14.71 -21.63 -0.03
CA TYR D 50 -13.90 -21.77 1.15
C TYR D 50 -12.73 -22.69 0.95
N GLU D 51 -12.90 -23.75 0.17
CA GLU D 51 -11.78 -24.67 -0.11
C GLU D 51 -10.71 -23.98 -0.95
N ALA D 52 -11.10 -23.11 -1.93
CA ALA D 52 -10.05 -22.44 -2.65
C ALA D 52 -9.38 -21.29 -1.89
N ARG D 53 -10.13 -20.70 -0.94
CA ARG D 53 -9.53 -19.68 -0.10
C ARG D 53 -8.41 -20.21 0.74
N GLU D 54 -8.50 -21.48 1.11
CA GLU D 54 -7.42 -22.13 1.80
C GLU D 54 -6.16 -22.07 0.99
N PHE D 55 -6.27 -21.84 -0.32
CA PHE D 55 -5.03 -21.73 -1.14
C PHE D 55 -4.62 -20.25 -1.32
N GLY D 56 -5.24 -19.29 -0.60
CA GLY D 56 -4.99 -17.84 -0.83
C GLY D 56 -5.77 -17.18 -1.99
N VAL D 57 -6.63 -17.91 -2.72
CA VAL D 57 -7.51 -17.37 -3.78
C VAL D 57 -8.67 -16.58 -3.18
N HIS D 58 -8.96 -15.37 -3.74
CA HIS D 58 -10.09 -14.55 -3.25
C HIS D 58 -10.61 -13.72 -4.44
N ALA D 59 -11.81 -13.14 -4.30
CA ALA D 59 -12.39 -12.29 -5.30
C ALA D 59 -11.40 -11.16 -5.62
N GLY D 60 -11.18 -10.84 -6.88
CA GLY D 60 -10.36 -9.67 -7.25
C GLY D 60 -9.02 -10.25 -7.73
N MET D 61 -8.66 -11.53 -7.37
CA MET D 61 -7.36 -12.11 -7.79
C MET D 61 -7.46 -12.45 -9.25
N PRO D 62 -6.42 -12.12 -10.08
CA PRO D 62 -6.50 -12.56 -11.54
C PRO D 62 -6.64 -14.06 -11.63
N LEU D 63 -7.29 -14.53 -12.69
CA LEU D 63 -7.56 -15.97 -12.84
C LEU D 63 -6.24 -16.71 -13.05
N ARG D 64 -5.31 -16.10 -13.76
CA ARG D 64 -3.94 -16.73 -13.93
C ARG D 64 -3.23 -16.89 -12.61
N ALA D 65 -3.29 -15.86 -11.80
CA ALA D 65 -2.83 -15.90 -10.38
C ALA D 65 -3.53 -17.05 -9.63
N ALA D 66 -4.86 -17.11 -9.69
CA ALA D 66 -5.54 -18.16 -8.94
C ALA D 66 -5.14 -19.57 -9.44
N ALA D 67 -4.99 -19.79 -10.76
CA ALA D 67 -4.57 -21.12 -11.25
C ALA D 67 -3.16 -21.43 -10.83
N ARG D 68 -2.26 -20.45 -10.83
CA ARG D 68 -0.90 -20.58 -10.21
C ARG D 68 -1.03 -21.12 -8.82
N ARG D 69 -1.98 -20.58 -8.02
CA ARG D 69 -2.06 -20.93 -6.57
C ARG D 69 -2.81 -22.23 -6.31
N CYS D 70 -3.72 -22.60 -7.17
CA CYS D 70 -4.61 -23.74 -6.81
C CYS D 70 -4.88 -24.56 -8.12
N PRO D 71 -3.86 -25.35 -8.59
CA PRO D 71 -3.93 -25.81 -9.98
C PRO D 71 -5.08 -26.83 -10.07
N ASP D 72 -5.39 -27.46 -8.95
CA ASP D 72 -6.46 -28.46 -8.90
C ASP D 72 -7.88 -27.87 -8.91
N ALA D 73 -8.02 -26.54 -8.86
CA ALA D 73 -9.34 -25.94 -8.72
C ALA D 73 -10.25 -26.33 -9.88
N THR D 74 -11.58 -26.41 -9.63
CA THR D 74 -12.53 -26.38 -10.77
C THR D 74 -12.93 -24.98 -11.04
N PHE D 75 -12.62 -24.49 -12.25
CA PHE D 75 -12.90 -23.07 -12.63
C PHE D 75 -14.22 -23.09 -13.31
N LEU D 76 -15.19 -22.30 -12.83
CA LEU D 76 -16.47 -22.14 -13.50
C LEU D 76 -16.67 -20.74 -14.03
N PRO D 77 -17.28 -20.59 -15.21
CA PRO D 77 -17.54 -19.23 -15.75
C PRO D 77 -18.59 -18.54 -14.86
N SER D 78 -18.50 -17.23 -14.79
CA SER D 78 -19.44 -16.55 -14.00
C SER D 78 -20.80 -16.71 -14.69
N ASP D 79 -21.91 -16.89 -13.92
CA ASP D 79 -23.25 -17.07 -14.48
C ASP D 79 -24.19 -16.03 -13.90
N PRO D 80 -24.08 -14.77 -14.37
CA PRO D 80 -24.83 -13.66 -13.72
C PRO D 80 -26.37 -13.98 -13.58
N ALA D 81 -26.96 -14.70 -14.54
CA ALA D 81 -28.42 -14.88 -14.57
C ALA D 81 -28.88 -15.76 -13.42
N ALA D 82 -28.09 -16.78 -13.16
CA ALA D 82 -28.36 -17.69 -12.08
C ALA D 82 -28.14 -16.99 -10.77
N TYR D 83 -27.16 -16.09 -10.73
CA TYR D 83 -26.82 -15.42 -9.42
C TYR D 83 -27.91 -14.40 -9.13
N ASP D 84 -28.31 -13.68 -10.18
CA ASP D 84 -29.32 -12.67 -10.00
C ASP D 84 -30.63 -13.36 -9.53
N GLU D 85 -30.96 -14.50 -10.18
CA GLU D 85 -32.14 -15.21 -9.78
C GLU D 85 -32.07 -15.80 -8.37
N ALA D 86 -30.95 -16.40 -8.01
CA ALA D 86 -30.82 -16.85 -6.62
C ALA D 86 -30.93 -15.64 -5.61
N SER D 87 -30.39 -14.46 -5.99
CA SER D 87 -30.35 -13.33 -5.08
C SER D 87 -31.77 -12.75 -4.93
N GLU D 88 -32.49 -12.66 -6.08
CA GLU D 88 -33.88 -12.08 -6.13
C GLU D 88 -34.87 -12.95 -5.38
N GLN D 89 -34.59 -14.23 -5.34
CA GLN D 89 -35.32 -15.18 -4.50
C GLN D 89 -35.13 -14.89 -3.03
N VAL D 90 -33.87 -14.86 -2.56
CA VAL D 90 -33.52 -14.60 -1.19
C VAL D 90 -34.14 -13.27 -0.75
N MET D 91 -34.02 -12.23 -1.59
CA MET D 91 -34.40 -10.88 -1.09
C MET D 91 -35.90 -10.85 -0.90
N GLY D 92 -36.66 -11.49 -1.79
CA GLY D 92 -38.10 -11.62 -1.60
C GLY D 92 -38.47 -12.40 -0.32
N LEU D 93 -37.66 -13.42 0.07
CA LEU D 93 -37.97 -14.12 1.36
C LEU D 93 -37.73 -13.20 2.51
N LEU D 94 -36.71 -12.33 2.35
CA LEU D 94 -36.41 -11.42 3.42
C LEU D 94 -37.48 -10.35 3.56
N ARG D 95 -37.92 -9.73 2.46
CA ARG D 95 -39.01 -8.76 2.39
C ARG D 95 -40.25 -9.18 3.13
N ASP D 96 -40.59 -10.45 2.97
CA ASP D 96 -41.82 -10.98 3.49
C ASP D 96 -41.76 -11.27 4.99
N LEU D 97 -40.79 -10.72 5.72
CA LEU D 97 -40.76 -11.03 7.14
C LEU D 97 -41.54 -9.99 7.91
N GLY D 98 -41.99 -8.97 7.19
CA GLY D 98 -42.54 -7.84 7.88
C GLY D 98 -41.63 -6.65 8.24
N HIS D 99 -40.33 -6.68 7.95
CA HIS D 99 -39.45 -5.59 8.37
C HIS D 99 -39.00 -4.70 7.21
N PRO D 100 -38.63 -3.43 7.51
CA PRO D 100 -37.84 -2.67 6.52
C PRO D 100 -36.50 -3.39 6.08
N LEU D 101 -36.31 -3.55 4.77
CA LEU D 101 -35.18 -4.28 4.23
C LEU D 101 -34.58 -3.39 3.23
N GLU D 102 -33.26 -3.28 3.26
CA GLU D 102 -32.59 -2.47 2.25
C GLU D 102 -31.54 -3.36 1.58
N VAL D 103 -31.63 -3.58 0.26
CA VAL D 103 -30.68 -4.52 -0.41
C VAL D 103 -29.43 -3.75 -0.80
N TRP D 104 -28.24 -4.28 -0.55
CA TRP D 104 -26.95 -3.67 -0.96
C TRP D 104 -26.23 -4.71 -1.81
N GLY D 105 -26.27 -4.57 -3.11
CA GLY D 105 -25.71 -5.63 -4.00
C GLY D 105 -26.38 -6.97 -3.95
N TRP D 106 -25.73 -7.93 -4.56
CA TRP D 106 -26.35 -9.20 -4.90
C TRP D 106 -26.51 -10.09 -3.66
N ASP D 107 -25.58 -9.98 -2.70
CA ASP D 107 -25.56 -10.94 -1.66
C ASP D 107 -25.93 -10.45 -0.27
N GLU D 108 -26.40 -9.22 -0.14
CA GLU D 108 -26.49 -8.62 1.19
C GLU D 108 -27.73 -7.79 1.28
N ALA D 109 -28.21 -7.62 2.51
CA ALA D 109 -29.29 -6.60 2.89
C ALA D 109 -29.20 -6.25 4.36
N TYR D 110 -29.76 -5.09 4.70
CA TYR D 110 -29.93 -4.63 6.02
C TYR D 110 -31.39 -4.71 6.39
N LEU D 111 -31.61 -5.17 7.59
CA LEU D 111 -32.96 -5.40 8.09
C LEU D 111 -33.12 -4.69 9.41
N GLY D 112 -34.20 -3.88 9.54
CA GLY D 112 -34.44 -3.06 10.75
C GLY D 112 -35.46 -3.76 11.61
N ALA D 113 -35.19 -3.83 12.91
CA ALA D 113 -36.10 -4.58 13.78
C ALA D 113 -36.20 -3.95 15.16
N ASP D 114 -37.33 -3.38 15.47
CA ASP D 114 -37.55 -2.80 16.82
C ASP D 114 -38.09 -3.83 17.74
N LEU D 115 -37.42 -4.05 18.86
CA LEU D 115 -37.86 -5.06 19.80
C LEU D 115 -37.76 -4.57 21.24
N PRO D 116 -38.63 -5.09 22.13
CA PRO D 116 -38.53 -4.83 23.60
C PRO D 116 -37.22 -5.39 24.08
N ASP D 117 -36.74 -4.97 25.24
CA ASP D 117 -35.37 -5.34 25.64
C ASP D 117 -35.27 -6.74 26.24
N GLU D 118 -36.40 -7.29 26.61
CA GLU D 118 -36.52 -8.69 27.09
C GLU D 118 -36.81 -9.60 25.87
N SER D 119 -36.31 -9.15 24.72
CA SER D 119 -36.63 -9.81 23.46
C SER D 119 -35.31 -9.72 22.63
N ASP D 120 -34.70 -10.88 22.46
CA ASP D 120 -33.36 -11.05 21.86
C ASP D 120 -33.39 -10.93 20.33
N PRO D 121 -32.57 -10.03 19.76
CA PRO D 121 -32.52 -9.92 18.31
C PRO D 121 -31.92 -11.15 17.57
N VAL D 122 -31.16 -12.00 18.25
CA VAL D 122 -30.71 -13.31 17.71
C VAL D 122 -31.92 -14.14 17.21
N GLU D 123 -33.06 -13.99 17.88
CA GLU D 123 -34.23 -14.82 17.51
C GLU D 123 -34.69 -14.49 16.15
N VAL D 124 -34.59 -13.20 15.77
CA VAL D 124 -34.93 -12.83 14.43
C VAL D 124 -33.80 -13.42 13.48
N ALA D 125 -32.53 -13.26 13.83
CA ALA D 125 -31.43 -13.68 12.95
C ALA D 125 -31.57 -15.24 12.78
N GLU D 126 -31.93 -15.96 13.85
CA GLU D 126 -32.11 -17.50 13.76
C GLU D 126 -33.31 -17.87 12.84
N ARG D 127 -34.37 -17.08 12.90
CA ARG D 127 -35.47 -17.17 11.94
C ARG D 127 -34.95 -16.83 10.50
N ILE D 128 -34.12 -15.78 10.35
CA ILE D 128 -33.58 -15.36 9.04
C ILE D 128 -32.68 -16.43 8.38
N ARG D 129 -31.76 -17.02 9.15
CA ARG D 129 -30.96 -18.16 8.59
C ARG D 129 -31.82 -19.40 8.30
N THR D 130 -32.78 -19.70 9.19
CA THR D 130 -33.66 -20.91 8.92
C THR D 130 -34.43 -20.81 7.64
N VAL D 131 -35.13 -19.72 7.46
CA VAL D 131 -35.97 -19.52 6.28
C VAL D 131 -35.09 -19.48 5.02
N VAL D 132 -33.93 -18.81 5.05
CA VAL D 132 -33.20 -18.74 3.84
C VAL D 132 -32.71 -20.12 3.52
N ALA D 133 -32.25 -20.87 4.54
CA ALA D 133 -31.71 -22.23 4.31
C ALA D 133 -32.81 -23.23 3.81
N ALA D 134 -33.98 -23.16 4.44
CA ALA D 134 -35.10 -24.07 4.15
C ALA D 134 -35.74 -23.82 2.72
N GLU D 135 -35.64 -22.57 2.23
CA GLU D 135 -36.36 -22.31 0.97
C GLU D 135 -35.40 -22.15 -0.21
N THR D 136 -34.08 -21.79 0.03
CA THR D 136 -33.20 -21.63 -1.09
C THR D 136 -32.07 -22.65 -0.95
N GLY D 137 -31.88 -23.24 0.21
CA GLY D 137 -30.74 -24.22 0.35
C GLY D 137 -29.42 -23.39 0.48
N LEU D 138 -29.48 -22.07 0.70
CA LEU D 138 -28.23 -21.26 0.77
C LEU D 138 -27.99 -20.88 2.20
N SER D 139 -26.71 -20.84 2.58
CA SER D 139 -26.36 -20.40 3.94
C SER D 139 -26.09 -18.84 3.95
N CYS D 140 -26.59 -18.19 4.96
CA CYS D 140 -26.30 -16.78 5.19
C CYS D 140 -25.80 -16.56 6.60
N SER D 141 -25.09 -15.44 6.81
CA SER D 141 -24.69 -15.06 8.15
C SER D 141 -25.37 -13.74 8.53
N VAL D 142 -25.42 -13.44 9.84
CA VAL D 142 -26.16 -12.29 10.26
C VAL D 142 -25.40 -11.55 11.35
N GLY D 143 -24.98 -10.30 11.05
CA GLY D 143 -24.42 -9.37 12.04
C GLY D 143 -25.55 -8.54 12.64
N ILE D 144 -25.55 -8.41 13.94
CA ILE D 144 -26.54 -7.63 14.70
C ILE D 144 -25.91 -6.46 15.45
N SER D 145 -26.46 -5.26 15.20
CA SER D 145 -26.06 -4.13 16.02
C SER D 145 -27.23 -3.12 15.94
N ASP D 146 -26.95 -1.83 16.14
CA ASP D 146 -27.96 -0.81 16.22
C ASP D 146 -27.62 0.23 15.16
N ASN D 147 -26.69 -0.11 14.25
CA ASN D 147 -26.49 0.77 13.09
C ASN D 147 -25.87 -0.14 11.99
N LYS D 148 -25.90 0.34 10.76
CA LYS D 148 -25.52 -0.50 9.57
C LYS D 148 -24.03 -0.86 9.58
N GLN D 149 -23.16 0.10 9.92
CA GLN D 149 -21.70 -0.10 9.72
C GLN D 149 -21.26 -1.04 10.78
N ARG D 150 -21.78 -0.91 12.02
CA ARG D 150 -21.42 -1.86 13.04
C ARG D 150 -22.06 -3.27 12.82
N ALA D 151 -23.26 -3.29 12.24
CA ALA D 151 -23.89 -4.59 11.93
C ALA D 151 -23.06 -5.29 10.84
N LYS D 152 -22.53 -4.49 9.89
CA LYS D 152 -21.79 -5.01 8.79
C LYS D 152 -20.46 -5.61 9.30
N VAL D 153 -19.84 -4.92 10.24
CA VAL D 153 -18.62 -5.41 10.87
C VAL D 153 -18.94 -6.68 11.68
N ALA D 154 -20.11 -6.73 12.33
CA ALA D 154 -20.41 -7.87 13.16
C ALA D 154 -20.51 -9.09 12.22
N THR D 155 -21.08 -8.93 11.03
CA THR D 155 -21.29 -10.07 10.12
C THR D 155 -19.91 -10.76 9.79
N GLY D 156 -18.85 -9.95 9.61
CA GLY D 156 -17.58 -10.53 9.26
C GLY D 156 -17.13 -11.45 10.43
N PHE D 157 -17.55 -11.19 11.66
CA PHE D 157 -17.20 -12.08 12.74
C PHE D 157 -18.16 -13.28 12.78
N ALA D 158 -19.36 -13.14 12.21
CA ALA D 158 -20.34 -14.20 12.21
C ALA D 158 -20.00 -15.34 11.18
N LYS D 159 -19.29 -15.00 10.10
CA LYS D 159 -19.01 -15.96 9.03
C LYS D 159 -18.10 -17.08 9.60
N PRO D 160 -18.25 -18.33 9.14
CA PRO D 160 -19.27 -18.70 8.18
C PRO D 160 -20.52 -19.25 8.95
N ALA D 161 -21.68 -19.15 8.35
CA ALA D 161 -22.91 -19.76 8.83
C ALA D 161 -23.21 -19.41 10.32
N GLY D 162 -22.88 -18.19 10.73
CA GLY D 162 -23.09 -17.70 12.12
C GLY D 162 -23.98 -16.44 12.32
N ILE D 163 -24.13 -16.07 13.60
CA ILE D 163 -24.77 -14.89 14.10
C ILE D 163 -23.77 -14.28 15.05
N TYR D 164 -23.57 -12.95 14.97
CA TYR D 164 -22.68 -12.30 15.86
C TYR D 164 -23.33 -10.98 16.31
N VAL D 165 -23.34 -10.70 17.64
CA VAL D 165 -23.85 -9.42 18.23
C VAL D 165 -22.69 -8.51 18.58
N LEU D 166 -22.71 -7.30 17.99
CA LEU D 166 -21.71 -6.29 18.32
C LEU D 166 -22.41 -5.01 18.74
N THR D 167 -22.24 -4.61 20.00
CA THR D 167 -22.90 -3.46 20.49
C THR D 167 -21.90 -2.60 21.23
N GLU D 168 -22.46 -1.55 21.89
CA GLU D 168 -21.65 -0.71 22.73
C GLU D 168 -20.94 -1.45 23.89
N ALA D 169 -21.44 -2.59 24.39
CA ALA D 169 -20.74 -3.26 25.52
C ALA D 169 -19.41 -3.85 25.06
N ASN D 170 -19.38 -4.43 23.87
CA ASN D 170 -18.20 -5.12 23.35
C ASN D 170 -17.43 -4.50 22.17
N TRP D 171 -17.92 -3.38 21.65
CA TRP D 171 -17.29 -2.72 20.52
C TRP D 171 -15.79 -2.50 20.72
N MET D 172 -15.43 -1.69 21.71
CA MET D 172 -14.04 -1.39 22.00
C MET D 172 -13.18 -2.63 22.26
N THR D 173 -13.74 -3.61 22.97
CA THR D 173 -12.99 -4.86 23.30
C THR D 173 -12.71 -5.66 22.04
N VAL D 174 -13.73 -5.73 21.22
CA VAL D 174 -13.58 -6.45 20.03
C VAL D 174 -12.83 -5.69 18.97
N MET D 175 -13.12 -4.42 18.73
CA MET D 175 -12.40 -3.77 17.64
C MET D 175 -11.28 -2.82 17.98
N GLY D 176 -10.88 -2.60 19.19
CA GLY D 176 -10.03 -1.49 19.52
C GLY D 176 -8.60 -1.66 19.08
N ASP D 177 -8.11 -2.92 18.92
CA ASP D 177 -6.74 -3.16 18.49
C ASP D 177 -6.62 -3.24 17.02
N ARG D 178 -7.75 -3.29 16.31
CA ARG D 178 -7.75 -3.48 14.84
C ARG D 178 -7.35 -2.23 14.16
N PRO D 179 -6.77 -2.36 12.95
CA PRO D 179 -6.39 -1.19 12.16
C PRO D 179 -7.65 -0.40 11.71
N PRO D 180 -7.51 0.91 11.50
CA PRO D 180 -8.67 1.72 11.16
C PRO D 180 -9.50 1.21 9.93
N ASP D 181 -8.90 0.45 9.01
CA ASP D 181 -9.74 -0.03 7.86
C ASP D 181 -10.56 -1.25 8.21
N ALA D 182 -10.46 -1.75 9.44
CA ALA D 182 -11.51 -2.68 9.92
C ALA D 182 -12.88 -1.97 9.93
N LEU D 183 -12.88 -0.62 9.90
CA LEU D 183 -14.19 0.13 9.94
C LEU D 183 -14.77 0.26 8.49
N TRP D 184 -16.09 0.40 8.37
CA TRP D 184 -16.69 0.34 7.07
C TRP D 184 -16.70 1.78 6.61
N GLY D 185 -16.08 2.04 5.46
CA GLY D 185 -15.91 3.43 4.97
C GLY D 185 -14.42 3.89 5.12
N VAL D 186 -13.59 3.11 5.81
CA VAL D 186 -12.18 3.46 5.95
C VAL D 186 -11.36 2.43 5.16
N GLY D 187 -10.56 2.86 4.20
CA GLY D 187 -9.73 1.92 3.50
C GLY D 187 -8.21 2.18 3.66
N PRO D 188 -7.41 1.75 2.66
CA PRO D 188 -5.94 1.82 2.82
C PRO D 188 -5.42 3.26 2.82
N LYS D 189 -5.90 4.09 1.92
CA LYS D 189 -5.42 5.46 1.90
C LYS D 189 -5.61 6.17 3.24
N THR D 190 -6.84 6.14 3.76
CA THR D 190 -7.11 6.84 5.02
C THR D 190 -6.23 6.18 6.11
N THR D 191 -6.14 4.85 6.11
CA THR D 191 -5.29 4.22 7.11
C THR D 191 -3.82 4.81 7.07
N LYS D 192 -3.28 4.97 5.87
CA LYS D 192 -1.89 5.45 5.73
C LYS D 192 -1.81 6.90 6.20
N LYS D 193 -2.77 7.75 5.81
CA LYS D 193 -2.82 9.09 6.39
C LYS D 193 -2.90 9.10 7.93
N LEU D 194 -3.76 8.27 8.55
CA LEU D 194 -3.84 8.12 10.03
C LEU D 194 -2.47 7.65 10.72
N ALA D 195 -1.81 6.67 10.11
CA ALA D 195 -0.53 6.14 10.63
C ALA D 195 0.46 7.34 10.74
N ALA D 196 0.45 8.21 9.71
CA ALA D 196 1.37 9.39 9.67
C ALA D 196 0.96 10.44 10.68
N MET D 197 -0.15 10.20 11.34
CA MET D 197 -0.59 11.03 12.42
C MET D 197 -0.36 10.24 13.72
N GLY D 198 0.01 8.96 13.64
CA GLY D 198 0.32 8.22 14.87
C GLY D 198 -0.91 7.45 15.26
N ILE D 199 -1.82 7.30 14.32
CA ILE D 199 -3.06 6.58 14.61
C ILE D 199 -2.99 5.26 13.84
N THR D 200 -2.91 4.13 14.54
CA THR D 200 -2.81 2.86 13.86
C THR D 200 -3.87 1.90 14.28
N THR D 201 -4.78 2.31 15.18
CA THR D 201 -5.84 1.42 15.57
C THR D 201 -7.17 2.20 15.70
N VAL D 202 -8.23 1.40 15.71
CA VAL D 202 -9.59 1.87 15.99
C VAL D 202 -9.64 2.63 17.29
N ALA D 203 -9.01 2.14 18.35
CA ALA D 203 -9.05 2.83 19.65
C ALA D 203 -8.25 4.09 19.58
N ASP D 204 -7.13 4.08 18.86
CA ASP D 204 -6.42 5.37 18.67
C ASP D 204 -7.34 6.43 17.96
N LEU D 205 -7.99 6.00 16.89
CA LEU D 205 -8.87 6.91 16.12
C LEU D 205 -10.06 7.42 16.98
N ALA D 206 -10.64 6.56 17.83
CA ALA D 206 -11.79 6.91 18.64
C ALA D 206 -11.52 8.07 19.61
N VAL D 207 -10.23 8.26 20.04
CA VAL D 207 -9.96 9.38 20.97
C VAL D 207 -9.12 10.50 20.35
N THR D 208 -9.03 10.54 19.03
CA THR D 208 -8.22 11.57 18.39
C THR D 208 -9.02 12.85 18.38
N ASP D 209 -8.35 13.97 18.45
CA ASP D 209 -8.94 15.24 18.52
C ASP D 209 -9.67 15.55 17.21
N PRO D 210 -10.92 15.97 17.32
CA PRO D 210 -11.67 16.18 16.05
C PRO D 210 -11.08 17.18 15.12
N SER D 211 -10.43 18.21 15.67
CA SER D 211 -9.88 19.22 14.83
C SER D 211 -8.79 18.67 14.00
N VAL D 212 -7.97 17.82 14.56
CA VAL D 212 -6.90 17.11 13.85
C VAL D 212 -7.55 16.42 12.64
N LEU D 213 -8.72 15.76 12.82
CA LEU D 213 -9.23 14.96 11.68
C LEU D 213 -9.99 15.87 10.73
N THR D 214 -10.65 16.92 11.24
CA THR D 214 -11.36 17.79 10.33
C THR D 214 -10.43 18.65 9.47
N THR D 215 -9.30 19.05 9.99
CA THR D 215 -8.32 19.79 9.10
C THR D 215 -7.69 18.80 8.04
N ALA D 216 -7.45 17.57 8.41
CA ALA D 216 -6.79 16.66 7.47
C ALA D 216 -7.76 16.05 6.45
N PHE D 217 -9.03 15.83 6.83
CA PHE D 217 -9.95 15.03 6.02
C PHE D 217 -11.18 15.78 5.56
N GLY D 218 -11.45 16.95 6.12
CA GLY D 218 -12.64 17.67 5.78
C GLY D 218 -13.55 17.88 7.00
N PRO D 219 -14.35 18.97 7.02
CA PRO D 219 -15.18 19.26 8.17
C PRO D 219 -16.28 18.17 8.37
N SER D 220 -16.65 17.41 7.35
CA SER D 220 -17.62 16.35 7.54
C SER D 220 -16.97 14.90 7.69
N THR D 221 -16.04 14.55 6.78
CA THR D 221 -15.39 13.29 6.81
C THR D 221 -14.59 13.11 8.09
N GLY D 222 -13.98 14.17 8.63
CA GLY D 222 -13.16 14.03 9.82
C GLY D 222 -14.03 13.63 11.02
N LEU D 223 -15.19 14.27 11.19
CA LEU D 223 -16.14 13.83 12.22
C LEU D 223 -16.70 12.39 12.03
N TRP D 224 -16.96 12.03 10.78
CA TRP D 224 -17.52 10.75 10.47
C TRP D 224 -16.50 9.65 10.83
N LEU D 225 -15.20 9.89 10.59
CA LEU D 225 -14.20 8.83 10.94
C LEU D 225 -14.19 8.66 12.47
N LEU D 226 -14.38 9.74 13.22
CA LEU D 226 -14.49 9.56 14.64
C LEU D 226 -15.74 8.78 15.04
N LEU D 227 -16.88 9.11 14.45
CA LEU D 227 -18.09 8.36 14.74
C LEU D 227 -17.95 6.92 14.39
N LEU D 228 -17.32 6.61 13.24
CA LEU D 228 -17.17 5.22 12.89
C LEU D 228 -16.30 4.50 13.95
N ALA D 229 -15.22 5.12 14.36
CA ALA D 229 -14.25 4.52 15.29
C ALA D 229 -14.93 4.28 16.64
N LYS D 230 -15.98 5.07 16.98
CA LYS D 230 -16.70 4.84 18.20
C LYS D 230 -17.73 3.81 18.08
N GLY D 231 -17.92 3.27 16.89
CA GLY D 231 -18.91 2.19 16.80
C GLY D 231 -20.21 2.67 16.19
N GLY D 232 -20.24 3.93 15.68
CA GLY D 232 -21.54 4.49 15.16
C GLY D 232 -21.70 4.32 13.67
N GLY D 233 -22.82 4.78 13.15
CA GLY D 233 -23.08 4.73 11.75
C GLY D 233 -24.52 5.06 11.47
N ASP D 234 -24.92 4.85 10.20
CA ASP D 234 -26.30 5.01 9.76
C ASP D 234 -27.20 4.04 10.46
N THR D 235 -28.38 4.51 10.96
CA THR D 235 -29.20 3.71 11.78
C THR D 235 -30.48 3.41 11.07
N GLU D 236 -30.82 4.12 9.98
CA GLU D 236 -32.18 4.01 9.46
C GLU D 236 -32.18 3.00 8.33
N VAL D 237 -33.06 2.04 8.39
CA VAL D 237 -33.18 1.03 7.32
C VAL D 237 -34.39 1.44 6.45
N SER D 238 -34.14 1.74 5.20
CA SER D 238 -35.18 2.26 4.32
C SER D 238 -35.70 1.12 3.47
N SER D 239 -37.02 0.92 3.43
CA SER D 239 -37.61 0.04 2.43
C SER D 239 -37.85 0.65 1.06
N GLU D 240 -37.82 1.98 0.95
CA GLU D 240 -38.03 2.64 -0.33
C GLU D 240 -37.09 2.16 -1.44
N PRO D 241 -37.61 1.96 -2.65
CA PRO D 241 -36.73 1.29 -3.62
C PRO D 241 -35.57 2.26 -4.06
N TRP D 242 -34.44 1.69 -4.38
CA TRP D 242 -33.25 2.43 -4.66
C TRP D 242 -33.33 2.95 -6.12
N VAL D 243 -33.08 4.21 -6.35
CA VAL D 243 -33.17 4.82 -7.72
C VAL D 243 -31.70 4.98 -8.14
N PRO D 244 -31.23 4.25 -9.22
CA PRO D 244 -29.82 4.45 -9.61
C PRO D 244 -29.57 5.92 -10.09
N ARG D 245 -28.40 6.48 -9.73
CA ARG D 245 -27.96 7.79 -10.18
C ARG D 245 -27.19 7.68 -11.48
N SER D 246 -26.72 6.48 -11.89
CA SER D 246 -25.94 6.38 -13.15
C SER D 246 -25.97 4.91 -13.53
N ARG D 247 -25.64 4.58 -14.80
CA ARG D 247 -25.35 3.19 -15.19
C ARG D 247 -24.07 3.31 -16.07
N SER D 248 -23.19 2.30 -15.97
CA SER D 248 -21.90 2.36 -16.65
C SER D 248 -21.52 1.00 -17.19
N HIS D 249 -20.68 1.03 -18.21
CA HIS D 249 -20.06 -0.21 -18.73
C HIS D 249 -18.64 0.12 -19.18
N VAL D 250 -17.72 -0.73 -18.75
CA VAL D 250 -16.33 -0.64 -19.15
C VAL D 250 -15.87 -1.98 -19.69
N VAL D 251 -14.79 -1.91 -20.45
CA VAL D 251 -14.19 -3.13 -21.02
C VAL D 251 -12.70 -3.03 -20.90
N THR D 252 -12.04 -4.08 -20.46
CA THR D 252 -10.58 -4.16 -20.55
C THR D 252 -10.34 -5.15 -21.72
N PHE D 253 -9.67 -4.63 -22.76
CA PHE D 253 -9.45 -5.41 -24.02
C PHE D 253 -8.37 -6.51 -23.86
N PRO D 254 -8.49 -7.65 -24.58
CA PRO D 254 -7.47 -8.71 -24.45
C PRO D 254 -6.07 -8.24 -24.85
N GLN D 255 -6.02 -7.38 -25.83
CA GLN D 255 -4.83 -6.71 -26.25
C GLN D 255 -5.03 -5.19 -26.23
N ASP D 256 -4.02 -4.45 -25.77
CA ASP D 256 -4.09 -3.01 -25.78
C ASP D 256 -4.36 -2.47 -27.16
N LEU D 257 -5.31 -1.52 -27.21
CA LEU D 257 -5.68 -0.93 -28.42
C LEU D 257 -4.75 0.18 -28.81
N THR D 258 -4.36 0.14 -30.10
CA THR D 258 -3.55 1.20 -30.69
C THR D 258 -4.27 2.02 -31.78
N GLU D 259 -5.31 1.44 -32.40
CA GLU D 259 -6.03 2.02 -33.57
C GLU D 259 -7.21 2.92 -33.08
N ARG D 260 -7.19 4.21 -33.45
CA ARG D 260 -8.16 5.17 -32.91
C ARG D 260 -9.60 4.74 -33.35
N ARG D 261 -9.72 4.13 -34.52
CA ARG D 261 -11.02 3.72 -34.97
C ARG D 261 -11.59 2.57 -34.03
N GLU D 262 -10.74 1.69 -33.48
CA GLU D 262 -11.26 0.59 -32.61
C GLU D 262 -11.73 1.21 -31.32
N MET D 263 -11.08 2.30 -30.95
CA MET D 263 -11.39 3.00 -29.72
C MET D 263 -12.74 3.69 -29.82
N ASP D 264 -12.91 4.45 -30.88
CA ASP D 264 -14.19 5.07 -31.13
C ASP D 264 -15.33 4.07 -31.16
N SER D 265 -15.11 2.91 -31.80
CA SER D 265 -16.22 2.01 -31.98
C SER D 265 -16.54 1.35 -30.59
N ALA D 266 -15.54 1.11 -29.78
CA ALA D 266 -15.75 0.59 -28.46
C ALA D 266 -16.59 1.53 -27.57
N VAL D 267 -16.26 2.81 -27.54
CA VAL D 267 -16.98 3.79 -26.77
C VAL D 267 -18.42 3.98 -27.30
N ARG D 268 -18.56 3.98 -28.61
CA ARG D 268 -19.86 4.02 -29.23
C ARG D 268 -20.70 2.84 -28.72
N ASP D 269 -20.20 1.64 -28.82
CA ASP D 269 -20.98 0.39 -28.50
C ASP D 269 -21.33 0.42 -27.02
N LEU D 270 -20.41 0.94 -26.19
CA LEU D 270 -20.69 1.05 -24.73
C LEU D 270 -21.74 2.09 -24.45
N ALA D 271 -21.62 3.27 -25.05
CA ALA D 271 -22.60 4.30 -24.81
C ALA D 271 -24.01 3.70 -25.26
N LEU D 272 -24.03 2.95 -26.37
CA LEU D 272 -25.39 2.59 -26.89
C LEU D 272 -25.95 1.49 -26.04
N GLN D 273 -25.05 0.61 -25.62
CA GLN D 273 -25.53 -0.51 -24.78
C GLN D 273 -26.08 0.12 -23.47
N THR D 274 -25.35 1.04 -22.88
CA THR D 274 -25.74 1.58 -21.56
C THR D 274 -27.06 2.38 -21.79
N LEU D 275 -27.18 3.03 -22.94
CA LEU D 275 -28.38 3.95 -23.14
C LEU D 275 -29.63 3.09 -23.32
N ALA D 276 -29.46 1.99 -24.05
CA ALA D 276 -30.63 1.09 -24.26
C ALA D 276 -31.12 0.46 -22.95
N GLU D 277 -30.19 0.19 -22.02
CA GLU D 277 -30.60 -0.27 -20.71
C GLU D 277 -31.29 0.75 -19.88
N ILE D 278 -30.83 2.01 -19.89
CA ILE D 278 -31.50 2.99 -19.07
C ILE D 278 -32.85 3.40 -19.66
N VAL D 279 -32.98 3.28 -20.97
CA VAL D 279 -34.21 3.60 -21.68
C VAL D 279 -35.22 2.54 -21.26
N GLU D 280 -34.79 1.28 -21.23
CA GLU D 280 -35.67 0.17 -20.69
C GLU D 280 -36.14 0.44 -19.24
N GLN D 281 -35.31 1.15 -18.47
CA GLN D 281 -35.65 1.44 -17.10
C GLN D 281 -36.44 2.72 -17.00
N GLY D 282 -36.76 3.37 -18.11
CA GLY D 282 -37.53 4.55 -18.04
C GLY D 282 -36.76 5.76 -17.57
N ARG D 283 -35.45 5.75 -17.76
CA ARG D 283 -34.65 6.91 -17.24
C ARG D 283 -34.27 7.88 -18.38
N ILE D 284 -33.69 9.04 -18.05
CA ILE D 284 -33.25 10.06 -19.00
C ILE D 284 -31.79 10.39 -18.63
N VAL D 285 -30.93 10.55 -19.61
CA VAL D 285 -29.51 10.87 -19.37
C VAL D 285 -29.33 12.34 -19.19
N THR D 286 -28.49 12.69 -18.17
CA THR D 286 -28.08 14.08 -17.92
C THR D 286 -26.63 14.39 -18.34
N ARG D 287 -25.70 13.42 -18.14
CA ARG D 287 -24.31 13.64 -18.43
C ARG D 287 -23.72 12.39 -18.94
N VAL D 288 -22.66 12.59 -19.76
CA VAL D 288 -21.98 11.46 -20.43
C VAL D 288 -20.54 11.48 -19.98
N ALA D 289 -20.09 10.41 -19.35
CA ALA D 289 -18.69 10.34 -18.90
C ALA D 289 -17.93 9.23 -19.62
N VAL D 290 -16.71 9.51 -20.00
CA VAL D 290 -15.93 8.54 -20.75
C VAL D 290 -14.64 8.34 -19.94
N THR D 291 -14.18 7.11 -19.87
CA THR D 291 -13.04 6.72 -19.06
C THR D 291 -12.02 6.06 -19.98
N VAL D 292 -10.75 6.47 -19.85
CA VAL D 292 -9.69 5.87 -20.71
C VAL D 292 -8.64 5.47 -19.70
N ARG D 293 -8.16 4.21 -19.78
CA ARG D 293 -7.01 3.68 -18.97
C ARG D 293 -5.88 3.09 -19.81
N THR D 294 -4.75 3.83 -19.70
CA THR D 294 -3.70 3.50 -20.61
C THR D 294 -3.02 2.16 -20.22
N SER D 295 -2.26 1.65 -21.18
CA SER D 295 -1.28 0.58 -21.07
C SER D 295 -0.53 0.59 -19.71
N THR D 296 -0.13 1.71 -19.17
CA THR D 296 0.55 1.73 -17.89
C THR D 296 -0.41 1.87 -16.73
N PHE D 297 -1.71 1.64 -17.00
CA PHE D 297 -2.77 1.70 -15.94
C PHE D 297 -3.03 3.12 -15.49
N TYR D 298 -2.64 4.11 -16.29
CA TYR D 298 -3.03 5.48 -15.98
C TYR D 298 -4.43 5.73 -16.45
N THR D 299 -5.30 6.11 -15.52
CA THR D 299 -6.68 6.14 -15.75
C THR D 299 -7.28 7.53 -15.51
N ARG D 300 -8.06 8.03 -16.45
CA ARG D 300 -8.73 9.32 -16.23
C ARG D 300 -10.12 9.34 -16.80
N THR D 301 -11.01 10.11 -16.14
CA THR D 301 -12.40 10.22 -16.63
C THR D 301 -12.70 11.62 -17.00
N LYS D 302 -13.35 11.86 -18.16
CA LYS D 302 -13.97 13.16 -18.50
C LYS D 302 -15.48 13.06 -18.72
N ILE D 303 -16.19 14.12 -18.34
CA ILE D 303 -17.60 14.06 -18.17
C ILE D 303 -18.13 15.30 -18.78
N ARG D 304 -19.15 15.13 -19.63
CA ARG D 304 -19.83 16.24 -20.24
C ARG D 304 -21.36 16.23 -20.01
N LYS D 305 -21.87 17.37 -19.47
CA LYS D 305 -23.30 17.55 -19.34
C LYS D 305 -23.99 17.74 -20.72
N LEU D 306 -25.10 17.01 -21.00
CA LEU D 306 -25.84 17.30 -22.23
C LEU D 306 -26.52 18.71 -22.07
N PRO D 307 -26.88 19.37 -23.22
CA PRO D 307 -27.54 20.69 -23.08
C PRO D 307 -28.86 20.55 -22.35
N ALA D 308 -29.58 19.46 -22.56
CA ALA D 308 -30.82 19.15 -21.82
C ALA D 308 -30.85 17.66 -21.63
N PRO D 309 -31.60 17.18 -20.62
CA PRO D 309 -31.73 15.73 -20.38
C PRO D 309 -32.25 15.07 -21.63
N SER D 310 -31.80 13.90 -21.95
CA SER D 310 -32.13 13.31 -23.28
C SER D 310 -31.94 11.78 -23.30
N THR D 311 -32.62 11.10 -24.23
CA THR D 311 -32.37 9.70 -24.46
C THR D 311 -32.06 9.51 -25.92
N ASP D 312 -31.69 10.60 -26.63
CA ASP D 312 -31.44 10.50 -28.07
C ASP D 312 -30.08 9.81 -28.44
N ALA D 313 -30.11 8.74 -29.23
CA ALA D 313 -28.92 7.89 -29.38
C ALA D 313 -27.88 8.63 -30.15
N GLY D 314 -28.29 9.38 -31.18
CA GLY D 314 -27.27 10.06 -32.00
C GLY D 314 -26.52 11.09 -31.19
N GLN D 315 -27.26 11.86 -30.41
CA GLN D 315 -26.74 12.82 -29.49
C GLN D 315 -25.86 12.26 -28.37
N ILE D 316 -26.29 11.19 -27.72
CA ILE D 316 -25.48 10.51 -26.71
C ILE D 316 -24.14 9.90 -27.32
N VAL D 317 -24.25 9.25 -28.47
CA VAL D 317 -23.05 8.67 -29.10
C VAL D 317 -22.10 9.82 -29.47
N ASP D 318 -22.65 10.87 -30.09
CA ASP D 318 -21.74 11.97 -30.49
C ASP D 318 -21.09 12.59 -29.33
N THR D 319 -21.83 12.80 -28.23
CA THR D 319 -21.22 13.33 -26.97
C THR D 319 -20.08 12.40 -26.39
N ALA D 320 -20.36 11.10 -26.27
CA ALA D 320 -19.34 10.12 -25.82
C ALA D 320 -18.09 10.22 -26.73
N LEU D 321 -18.27 10.29 -28.06
CA LEU D 321 -17.07 10.33 -28.97
C LEU D 321 -16.36 11.71 -28.88
N ALA D 322 -17.10 12.77 -28.65
CA ALA D 322 -16.46 14.12 -28.49
C ALA D 322 -15.64 14.18 -27.18
N VAL D 323 -16.12 13.51 -26.09
CA VAL D 323 -15.42 13.51 -24.82
C VAL D 323 -14.20 12.63 -24.99
N LEU D 324 -14.32 11.51 -25.70
CA LEU D 324 -13.20 10.61 -25.93
C LEU D 324 -12.12 11.42 -26.65
N ASP D 325 -12.55 12.20 -27.64
CA ASP D 325 -11.61 12.94 -28.49
C ASP D 325 -10.76 13.97 -27.65
N GLN D 326 -11.24 14.36 -26.44
CA GLN D 326 -10.50 15.22 -25.55
C GLN D 326 -9.24 14.52 -25.01
N PHE D 327 -9.19 13.21 -24.95
CA PHE D 327 -7.99 12.54 -24.43
C PHE D 327 -6.81 12.54 -25.44
N GLU D 328 -5.60 12.67 -24.93
CA GLU D 328 -4.42 12.49 -25.76
C GLU D 328 -4.35 11.04 -25.93
N LEU D 329 -4.54 10.55 -27.11
CA LEU D 329 -4.56 9.12 -27.23
C LEU D 329 -3.26 8.62 -27.85
N ASP D 330 -2.13 8.95 -27.21
CA ASP D 330 -0.76 8.29 -27.46
C ASP D 330 -0.64 6.85 -27.06
N ARG D 331 -0.94 6.64 -25.80
CA ARG D 331 -0.54 5.41 -25.19
C ARG D 331 -1.48 4.31 -25.65
N PRO D 332 -0.97 3.02 -25.71
CA PRO D 332 -1.89 1.94 -25.97
C PRO D 332 -3.02 1.92 -24.92
N VAL D 333 -4.23 1.65 -25.38
CA VAL D 333 -5.40 1.84 -24.50
C VAL D 333 -5.82 0.52 -23.90
N ARG D 334 -5.72 0.45 -22.58
CA ARG D 334 -6.03 -0.87 -21.92
C ARG D 334 -7.57 -1.12 -21.75
N LEU D 335 -8.24 -0.07 -21.30
CA LEU D 335 -9.69 -0.12 -21.07
C LEU D 335 -10.28 1.19 -21.55
N LEU D 336 -11.53 1.08 -21.91
CA LEU D 336 -12.45 2.20 -22.21
C LEU D 336 -13.80 1.96 -21.43
N GLY D 337 -14.46 3.06 -21.05
CA GLY D 337 -15.67 2.93 -20.31
C GLY D 337 -16.58 4.09 -20.55
N VAL D 338 -17.86 3.83 -20.47
CA VAL D 338 -18.86 4.97 -20.56
C VAL D 338 -19.75 4.86 -19.31
N ARG D 339 -20.04 6.00 -18.70
CA ARG D 339 -21.00 6.07 -17.67
C ARG D 339 -22.05 7.15 -18.06
N LEU D 340 -23.32 6.77 -17.84
CA LEU D 340 -24.37 7.74 -18.12
C LEU D 340 -25.00 8.09 -16.81
N GLU D 341 -25.03 9.38 -16.54
CA GLU D 341 -25.59 9.86 -15.31
C GLU D 341 -27.03 10.19 -15.61
N LEU D 342 -27.90 9.93 -14.66
CA LEU D 342 -29.35 9.90 -14.94
C LEU D 342 -30.11 10.96 -14.19
N ALA D 343 -31.17 11.54 -14.77
CA ALA D 343 -32.02 12.49 -14.05
C ALA D 343 -32.65 11.84 -12.76
N MET D 344 -32.75 12.59 -11.68
CA MET D 344 -33.35 12.11 -10.46
C MET D 344 -34.74 12.72 -10.21
N ASP D 345 -35.04 13.75 -10.98
CA ASP D 345 -36.26 14.57 -10.87
C ASP D 345 -37.56 13.80 -10.94
N ASP D 346 -37.83 13.03 -12.01
CA ASP D 346 -39.11 12.24 -12.02
C ASP D 346 -39.02 10.71 -11.91
N VAL D 347 -39.58 9.92 -12.83
CA VAL D 347 -39.27 8.45 -12.86
C VAL D 347 -38.48 8.08 -14.13
O5' 2TM G . 19.02 1.99 10.41
C5' 2TM G . 18.97 2.97 9.49
C4' 2TM G . 19.38 4.32 10.04
O4' 2TM G . 19.22 5.10 8.86
C3' 2TM G . 18.23 4.70 10.91
O3' 2TM G . 18.35 4.54 12.30
C2' 2TM G . 17.85 6.06 10.49
O2' 2TM G . 18.64 7.00 11.20
C1' 2TM G . 18.30 6.12 9.04
C5 2TM G . 15.29 4.66 7.44
C6 2TM G . 16.49 4.73 8.06
N1 2TM G . 17.06 5.94 8.33
C2 2TM G . 16.48 7.11 7.94
N3 2TM G . 15.34 7.07 7.31
C4 2TM G . 14.75 5.84 7.08
O3G 2TM G . 17.57 -1.57 12.81
PG 2TM G . 18.12 -1.14 14.18
O1G 2TM G . 17.28 -1.73 15.25
O2G 2TM G . 19.58 -1.35 14.47
O3B 2TM G . 17.94 0.35 14.30
PB 2TM G . 18.44 1.27 12.99
O1B 2TM G . 17.28 2.25 12.88
O2B 2TM G . 19.94 1.74 13.59
PA 2TM G . 19.18 0.51 10.06
O1A 2TM G . 20.06 -0.09 8.93
O2A 2TM G . 17.48 0.52 9.29
N4 2TM G . 13.62 5.75 6.40
O2 2TM G . 17.02 8.20 8.16
C1 2TM G . 18.49 0.14 11.59
MN MN H . 21.65 -0.52 9.68
MN MN I . 21.35 -0.15 12.88
O5' 2TM J . -18.95 -10.60 -1.37
C5' 2TM J . -19.31 -9.66 -2.31
C4' 2TM J . -19.51 -10.30 -3.67
O4' 2TM J . -19.45 -9.15 -4.50
C3' 2TM J . -18.22 -10.98 -3.89
O3' 2TM J . -18.28 -12.38 -3.55
C2' 2TM J . -18.08 -10.81 -5.36
O2' 2TM J . -18.98 -11.73 -6.05
C1' 2TM J . -18.56 -9.36 -5.52
C5 2TM J . -15.57 -7.75 -3.99
C6 2TM J . -16.76 -8.34 -4.10
N1 2TM J . -17.31 -8.65 -5.28
C2 2TM J . -16.65 -8.33 -6.40
N3 2TM J . -15.47 -7.75 -6.34
C4 2TM J . -14.90 -7.45 -5.13
O3G 2TM J . -17.20 -13.28 2.64
PG 2TM J . -18.02 -14.36 2.11
O1G 2TM J . -17.31 -15.58 2.69
O2G 2TM J . -19.43 -14.48 2.20
O3B 2TM J . -17.93 -14.39 0.60
PB 2TM J . -18.69 -13.38 -0.38
O1B 2TM J . -17.81 -13.55 -1.61
O2B 2TM J . -20.01 -13.78 -0.97
PA 2TM J . -18.79 -9.96 0.12
O1A 2TM J . -19.87 -9.55 0.76
O2A 2TM J . -17.53 -8.54 0.02
N4 2TM J . -13.73 -6.85 -5.05
O2 2TM J . -17.14 -8.60 -7.48
C1 2TM J . -18.70 -11.83 0.60
MN MN K . -21.58 -9.35 0.96
MN MN L . -21.21 -12.82 0.89
#